data_4B3Q
#
_entry.id   4B3Q
#
_cell.length_a   272.700
_cell.length_b   272.700
_cell.length_c   233.100
_cell.angle_alpha   90.00
_cell.angle_beta   90.00
_cell.angle_gamma   120.00
#
_symmetry.space_group_name_H-M   'H 3 2'
#
loop_
_entity.id
_entity.type
_entity.pdbx_description
1 polymer 'REVERSE TRANSCRIPTASE/RIBONUCLEASE H'
2 polymer 'P51 RT'
3 polymer 'PRIMER DNA'
4 polymer 'TEMPLATE RNA'
5 non-polymer "11-CYCLOPROPYL-5,11-DIHYDRO-4-METHYL-6H-DIPYRIDO[3,2-B:2',3'-E][1,4]DIAZEPIN-6-ONE"
#
loop_
_entity_poly.entity_id
_entity_poly.type
_entity_poly.pdbx_seq_one_letter_code
_entity_poly.pdbx_strand_id
1 'polypeptide(L)'
;PISPIETVPVKLKPGMDGPKVKQWPLTEEKIKALVEICTEMEKEGKISKIGPENPYNTPVFAIKKKDGTKWRKLVDFREL
NKKTQDFWEVQLGIPHPAGLKKKKSVTVLDVGDAYFSVPLDEDFRKYTAFTIPSINNETPGIRYQYNVLPQGWKGSPAIF
QSSMTKILEPFRKQNPDIVIYQYMDDLYVGSDLEIGQHRTKIEELRQHLLRWGLTTPDKKHQKEPPFLWMGYELHPDKWT
VQPIVLPEKDSWTVNDIQKLVGKLNWASQIYPGIKVRQLCKLLRGTKALTEVIPLTEEAELELAENREILKEPVHGVYYD
PSKDLIAEIQKQGQGQWTYQIYQEPFKNLKTGKYARMRGAHTNDVKQLTEAVQKITTESIVIWGKTPKFKLPIQKETWET
WWTEYWQATWVPEWEFVNTPPLVKLWYQLEKEPIVGAETFYVDGAASRETKLGKAGYVTNKGRQKVVTLTDTTNQKTELQ
AIHLALQDSGLEVNIVTNSQYALGIIQAQPDQSESELVNQIIEQLIKKEKVYLAWVPAHKGIGGNEQVDKLVSAGIRKIL
;
A
2 'polypeptide(L)'
;MRGSHHHHHHGSQLPISPIETVPVKLKPGMDGPKVKQWPLTEEKIKALVEICTEMEKEGKISKIGPENPYNTPVFAIKKK
DGTKWRKLVDFRELNKKTQDFWEVQLGIPHPAGLKKKKSVTVLDVGDAYFSVPLDEDFRKYTAFTIPSINNETPGIRYQY
NVLPQGWKGSPAIFQSSMTKILEPFRKQNPDIVIYQYMDDLYVGSDLEIGQHRTKIEELRQHLLRWGLTTPDKKHQKEPP
FLWMGYELHPDKWTVQPIVLPEKDSWTVNDIQKLVGKLNWASQIYPGIKVRQLCKLLRGTKALTEVIPLTEEAELELAEN
REILKEPVHGVYYDPSKDLIAEIQKQGQGQWTYQIYQEPFKNLKTGKYARMRGAHTNDVKQLTEAVQKITTESIVIWGKT
PKFKLPIQKETWETWWTEYWQATWVPEWEFVNTPPLVKLWYQLEKEPIVGAETF
;
B
3 'polydeoxyribonucleotide'
;(DT)(DC)(DG)(DT)(DA)(DT)(DG)(DC)(DC)(DT)(DA)(DT)(DA)(DG)(DT)(DT)(DA)(DT)(DT)(DG)
(DT)(DG)(DG)(DC)(DC)
;
D
4 'polyribonucleotide' AUGA(N)GGCCACAAUAACUAUAGGCAUACGACCAC R
#
loop_
_chem_comp.id
_chem_comp.type
_chem_comp.name
_chem_comp.formula
A RNA linking ADENOSINE-5'-MONOPHOSPHATE 'C10 H14 N5 O7 P'
C RNA linking CYTIDINE-5'-MONOPHOSPHATE 'C9 H14 N3 O8 P'
DA DNA linking 2'-DEOXYADENOSINE-5'-MONOPHOSPHATE 'C10 H14 N5 O6 P'
DC DNA linking 2'-DEOXYCYTIDINE-5'-MONOPHOSPHATE 'C9 H14 N3 O7 P'
DG DNA linking 2'-DEOXYGUANOSINE-5'-MONOPHOSPHATE 'C10 H14 N5 O7 P'
DT DNA linking THYMIDINE-5'-MONOPHOSPHATE 'C10 H15 N2 O8 P'
G RNA linking GUANOSINE-5'-MONOPHOSPHATE 'C10 H14 N5 O8 P'
N RNA linking 'ANY 5'-MONOPHOSPHATE NUCLEOTIDE' 'C5 H11 O7 P'
NVP non-polymer 11-CYCLOPROPYL-5,11-DIHYDRO-4-METHYL-6H-DIPYRIDO[3,2-B:2',3'-E][1,4]DIAZEPIN-6-ONE 'C15 H14 N4 O'
U RNA linking URIDINE-5'-MONOPHOSPHATE 'C9 H13 N2 O9 P'
#
# COMPACT_ATOMS: atom_id res chain seq x y z
N PRO A 1 -28.18 -13.69 -37.30
CA PRO A 1 -28.63 -13.72 -38.69
C PRO A 1 -28.45 -12.37 -39.39
N ILE A 2 -28.13 -11.34 -38.61
CA ILE A 2 -27.97 -9.98 -39.13
C ILE A 2 -26.70 -9.31 -38.59
N SER A 3 -26.36 -9.63 -37.33
CA SER A 3 -25.23 -9.00 -36.65
C SER A 3 -23.98 -9.90 -36.63
N PRO A 4 -22.82 -9.34 -37.04
CA PRO A 4 -21.56 -10.06 -37.05
C PRO A 4 -20.75 -9.89 -35.76
N ILE A 5 -19.54 -10.44 -35.75
CA ILE A 5 -18.58 -10.31 -34.63
C ILE A 5 -19.08 -10.86 -33.29
N GLU A 6 -19.98 -11.86 -33.35
CA GLU A 6 -20.58 -12.55 -32.19
C GLU A 6 -20.88 -11.69 -30.94
N THR A 7 -22.16 -11.46 -30.69
CA THR A 7 -22.63 -10.63 -29.58
C THR A 7 -22.31 -11.24 -28.21
N VAL A 8 -21.93 -10.39 -27.27
CA VAL A 8 -21.64 -10.81 -25.90
C VAL A 8 -22.87 -10.55 -25.02
N PRO A 9 -23.35 -11.60 -24.33
CA PRO A 9 -24.55 -11.49 -23.46
C PRO A 9 -24.38 -10.53 -22.29
N VAL A 10 -25.28 -9.55 -22.21
CA VAL A 10 -25.28 -8.56 -21.14
C VAL A 10 -26.61 -8.61 -20.39
N LYS A 11 -26.54 -8.69 -19.06
CA LYS A 11 -27.73 -8.76 -18.22
C LYS A 11 -27.80 -7.60 -17.23
N LEU A 12 -29.01 -7.24 -16.82
CA LEU A 12 -29.24 -6.17 -15.85
C LEU A 12 -29.06 -6.65 -14.41
N LYS A 13 -29.13 -5.71 -13.47
CA LYS A 13 -29.04 -6.01 -12.05
C LYS A 13 -30.32 -6.69 -11.54
N PRO A 14 -30.17 -7.71 -10.68
CA PRO A 14 -31.31 -8.43 -10.11
C PRO A 14 -32.13 -7.60 -9.12
N GLY A 15 -31.56 -6.49 -8.65
CA GLY A 15 -32.21 -5.60 -7.69
C GLY A 15 -33.38 -4.83 -8.26
N MET A 16 -33.16 -4.18 -9.40
CA MET A 16 -34.18 -3.37 -10.06
C MET A 16 -34.16 -3.49 -11.59
N ASP A 17 -35.30 -3.25 -12.22
CA ASP A 17 -35.43 -3.30 -13.67
C ASP A 17 -34.97 -1.99 -14.33
N GLY A 18 -35.23 -1.87 -15.64
CA GLY A 18 -34.83 -0.69 -16.41
C GLY A 18 -35.66 0.56 -16.13
N PRO A 19 -35.52 1.59 -16.98
CA PRO A 19 -36.22 2.86 -16.80
C PRO A 19 -37.73 2.76 -17.04
N LYS A 20 -38.49 3.57 -16.32
CA LYS A 20 -39.95 3.61 -16.44
C LYS A 20 -40.47 5.04 -16.50
N VAL A 21 -39.58 5.98 -16.79
CA VAL A 21 -39.92 7.41 -16.87
C VAL A 21 -40.74 7.74 -18.12
N LYS A 22 -41.76 8.58 -17.95
CA LYS A 22 -42.63 9.00 -19.03
C LYS A 22 -41.95 9.97 -20.00
N GLN A 23 -42.56 10.16 -21.16
CA GLN A 23 -42.01 11.03 -22.21
C GLN A 23 -42.12 12.51 -21.87
N TRP A 24 -41.15 13.29 -22.37
CA TRP A 24 -41.10 14.73 -22.15
C TRP A 24 -42.10 15.46 -23.02
N PRO A 25 -42.48 16.70 -22.63
CA PRO A 25 -43.39 17.53 -23.43
C PRO A 25 -42.88 17.79 -24.85
N LEU A 26 -43.81 18.00 -25.78
CA LEU A 26 -43.50 18.12 -27.20
C LEU A 26 -42.84 19.46 -27.56
N THR A 27 -42.01 19.42 -28.61
CA THR A 27 -41.30 20.60 -29.10
C THR A 27 -41.71 20.94 -30.53
N GLU A 28 -41.95 19.89 -31.33
CA GLU A 28 -42.39 19.99 -32.74
C GLU A 28 -41.31 20.48 -33.71
N GLU A 29 -40.52 21.47 -33.27
CA GLU A 29 -39.46 22.04 -34.09
C GLU A 29 -38.24 21.12 -34.25
N LYS A 30 -38.05 20.24 -33.26
CA LYS A 30 -36.89 19.33 -33.24
C LYS A 30 -37.25 17.90 -33.68
N ILE A 31 -38.54 17.56 -33.61
CA ILE A 31 -39.01 16.23 -33.96
C ILE A 31 -38.89 15.94 -35.46
N LYS A 32 -39.21 16.94 -36.28
CA LYS A 32 -39.19 16.82 -37.75
C LYS A 32 -37.82 16.44 -38.31
N ALA A 33 -36.76 16.93 -37.67
CA ALA A 33 -35.39 16.62 -38.08
C ALA A 33 -34.96 15.21 -37.65
N LEU A 34 -35.55 14.71 -36.57
CA LEU A 34 -35.22 13.40 -36.02
C LEU A 34 -35.82 12.24 -36.83
N VAL A 35 -36.82 12.54 -37.65
CA VAL A 35 -37.49 11.54 -38.49
C VAL A 35 -36.53 10.99 -39.55
N GLU A 36 -35.76 11.88 -40.18
CA GLU A 36 -34.79 11.51 -41.21
C GLU A 36 -33.59 10.72 -40.67
N ILE A 37 -33.26 10.97 -39.39
CA ILE A 37 -32.16 10.28 -38.73
C ILE A 37 -32.52 8.83 -38.39
N CYS A 38 -33.75 8.63 -37.91
CA CYS A 38 -34.24 7.30 -37.54
C CYS A 38 -34.48 6.40 -38.75
N THR A 39 -34.86 7.00 -39.88
CA THR A 39 -35.09 6.27 -41.12
C THR A 39 -33.78 5.81 -41.75
N GLU A 40 -32.74 6.64 -41.62
CA GLU A 40 -31.42 6.33 -42.16
C GLU A 40 -30.72 5.20 -41.37
N MET A 41 -30.92 5.20 -40.06
CA MET A 41 -30.33 4.18 -39.18
C MET A 41 -31.06 2.84 -39.28
N GLU A 42 -32.33 2.88 -39.68
CA GLU A 42 -33.14 1.68 -39.84
C GLU A 42 -32.74 0.89 -41.09
N LYS A 43 -32.38 1.60 -42.15
CA LYS A 43 -31.97 0.98 -43.41
C LYS A 43 -30.59 0.35 -43.33
N GLU A 44 -29.71 0.93 -42.51
CA GLU A 44 -28.35 0.42 -42.32
C GLU A 44 -28.33 -0.83 -41.44
N GLY A 45 -29.14 -0.82 -40.39
CA GLY A 45 -29.22 -1.94 -39.46
C GLY A 45 -28.78 -1.57 -38.05
N LYS A 46 -29.27 -0.44 -37.57
CA LYS A 46 -28.94 0.05 -36.22
C LYS A 46 -30.15 -0.02 -35.29
N ILE A 47 -31.31 0.37 -35.81
CA ILE A 47 -32.57 0.33 -35.05
C ILE A 47 -33.69 -0.36 -35.83
N SER A 48 -34.57 -1.03 -35.10
CA SER A 48 -35.70 -1.75 -35.71
C SER A 48 -37.03 -1.37 -35.07
N LYS A 49 -38.10 -1.45 -35.87
CA LYS A 49 -39.45 -1.10 -35.42
C LYS A 49 -40.05 -2.21 -34.56
N ILE A 50 -40.63 -1.82 -33.43
CA ILE A 50 -41.28 -2.76 -32.51
C ILE A 50 -42.70 -2.30 -32.15
N GLY A 51 -43.52 -3.26 -31.72
CA GLY A 51 -44.91 -2.99 -31.36
C GLY A 51 -45.10 -2.57 -29.91
N PRO A 52 -46.28 -2.88 -29.32
CA PRO A 52 -46.61 -2.52 -27.96
C PRO A 52 -46.20 -3.58 -26.93
N GLU A 53 -45.39 -4.54 -27.35
CA GLU A 53 -44.92 -5.63 -26.48
C GLU A 53 -43.88 -5.16 -25.46
N ASN A 54 -43.15 -4.10 -25.80
CA ASN A 54 -42.10 -3.56 -24.95
C ASN A 54 -42.63 -2.50 -23.98
N PRO A 55 -42.51 -2.76 -22.66
CA PRO A 55 -42.99 -1.84 -21.63
C PRO A 55 -41.97 -0.75 -21.27
N TYR A 56 -40.70 -0.98 -21.57
CA TYR A 56 -39.62 -0.06 -21.21
C TYR A 56 -39.60 1.18 -22.10
N ASN A 57 -39.28 2.33 -21.50
CA ASN A 57 -39.27 3.61 -22.21
C ASN A 57 -38.02 4.42 -21.90
N THR A 58 -37.46 5.05 -22.94
CA THR A 58 -36.28 5.90 -22.82
C THR A 58 -36.55 7.26 -23.46
N PRO A 59 -36.37 8.35 -22.67
CA PRO A 59 -36.61 9.71 -23.17
C PRO A 59 -35.54 10.18 -24.16
N VAL A 60 -35.97 10.94 -25.17
CA VAL A 60 -35.07 11.46 -26.20
C VAL A 60 -34.66 12.89 -25.88
N PHE A 61 -33.36 13.13 -25.81
CA PHE A 61 -32.82 14.46 -25.53
C PHE A 61 -32.47 15.21 -26.81
N VAL A 75 -30.45 11.38 -26.86
CA VAL A 75 -31.11 10.39 -26.01
C VAL A 75 -30.32 10.19 -24.73
N ASP A 76 -30.99 10.39 -23.59
CA ASP A 76 -30.37 10.24 -22.28
C ASP A 76 -30.42 8.80 -21.79
N PHE A 77 -29.27 8.30 -21.36
CA PHE A 77 -29.15 6.93 -20.85
C PHE A 77 -28.68 6.91 -19.38
N ARG A 78 -28.93 8.01 -18.68
CA ARG A 78 -28.52 8.17 -17.28
C ARG A 78 -29.29 7.25 -16.33
N GLU A 79 -30.57 7.02 -16.65
CA GLU A 79 -31.43 6.14 -15.86
C GLU A 79 -31.11 4.67 -16.11
N LEU A 80 -30.67 4.37 -17.33
CA LEU A 80 -30.31 3.00 -17.73
C LEU A 80 -29.01 2.52 -17.09
N ASN A 81 -28.04 3.42 -16.99
CA ASN A 81 -26.71 3.10 -16.44
C ASN A 81 -26.74 2.64 -14.97
N LYS A 82 -27.69 3.16 -14.21
CA LYS A 82 -27.87 2.77 -12.81
C LYS A 82 -28.45 1.36 -12.69
N LYS A 83 -29.29 0.98 -13.66
CA LYS A 83 -29.90 -0.35 -13.71
C LYS A 83 -28.96 -1.40 -14.27
N THR A 84 -28.04 -0.95 -15.13
CA THR A 84 -27.05 -1.84 -15.76
C THR A 84 -25.99 -2.29 -14.75
N GLN A 85 -25.56 -3.53 -14.88
CA GLN A 85 -24.54 -4.12 -13.99
C GLN A 85 -23.19 -3.40 -14.10
N ASP A 86 -22.36 -3.57 -13.06
CA ASP A 86 -21.04 -2.95 -13.01
C ASP A 86 -20.07 -3.63 -13.98
N PHE A 87 -19.35 -2.81 -14.74
CA PHE A 87 -18.33 -3.30 -15.66
C PHE A 87 -16.93 -2.93 -15.17
N TRP A 88 -15.95 -3.72 -15.60
CA TRP A 88 -14.54 -3.47 -15.26
C TRP A 88 -14.03 -2.25 -15.99
N GLU A 89 -13.22 -1.46 -15.29
CA GLU A 89 -12.68 -0.20 -15.82
C GLU A 89 -11.93 -0.36 -17.14
N VAL A 90 -12.09 0.65 -18.01
CA VAL A 90 -11.49 0.64 -19.35
C VAL A 90 -9.98 0.84 -19.29
N GLN A 91 -9.55 1.90 -18.60
CA GLN A 91 -8.13 2.24 -18.48
C GLN A 91 -7.65 2.23 -17.04
N LEU A 92 -6.54 1.54 -16.80
CA LEU A 92 -5.92 1.49 -15.48
C LEU A 92 -4.69 2.40 -15.47
N GLY A 93 -4.90 3.66 -15.12
CA GLY A 93 -3.84 4.67 -15.11
C GLY A 93 -3.54 5.21 -16.49
N ILE A 94 -3.54 6.54 -16.62
CA ILE A 94 -3.26 7.20 -17.89
C ILE A 94 -1.77 7.13 -18.26
N PRO A 95 -1.46 6.74 -19.52
CA PRO A 95 -0.08 6.64 -19.99
C PRO A 95 0.60 8.01 -20.07
N HIS A 96 1.83 8.09 -19.56
CA HIS A 96 2.60 9.32 -19.57
C HIS A 96 3.57 9.32 -20.73
N PRO A 97 3.68 10.46 -21.45
CA PRO A 97 4.55 10.60 -22.62
C PRO A 97 6.04 10.34 -22.35
N ALA A 98 6.46 10.47 -21.10
CA ALA A 98 7.86 10.25 -20.70
C ALA A 98 8.25 8.78 -20.71
N GLY A 99 7.28 7.90 -20.44
CA GLY A 99 7.53 6.46 -20.37
C GLY A 99 7.35 5.72 -21.70
N LEU A 100 6.95 6.47 -22.73
CA LEU A 100 6.74 5.89 -24.06
C LEU A 100 8.06 5.68 -24.79
N LYS A 101 8.06 4.78 -25.77
CA LYS A 101 9.24 4.48 -26.58
C LYS A 101 9.33 5.43 -27.77
N LYS A 102 10.56 5.80 -28.14
CA LYS A 102 10.81 6.70 -29.26
C LYS A 102 10.60 5.98 -30.59
N LYS A 103 9.76 6.57 -31.45
CA LYS A 103 9.42 5.98 -32.74
C LYS A 103 9.82 6.91 -33.90
N LYS A 104 10.14 6.30 -35.04
CA LYS A 104 10.54 7.05 -36.24
C LYS A 104 9.34 7.69 -36.93
N SER A 105 8.30 6.88 -37.17
CA SER A 105 7.08 7.36 -37.83
C SER A 105 5.83 6.96 -37.05
N VAL A 106 4.98 7.94 -36.77
CA VAL A 106 3.75 7.71 -36.01
C VAL A 106 2.53 8.11 -36.85
N THR A 107 1.57 7.19 -36.97
CA THR A 107 0.35 7.42 -37.73
C THR A 107 -0.89 7.03 -36.91
N VAL A 108 -1.85 7.95 -36.84
CA VAL A 108 -3.09 7.72 -36.11
C VAL A 108 -4.21 7.27 -37.05
N LEU A 109 -5.12 6.43 -36.54
CA LEU A 109 -6.27 5.95 -37.30
C LEU A 109 -7.57 6.23 -36.56
N ASP A 110 -8.46 6.99 -37.20
CA ASP A 110 -9.76 7.33 -36.63
C ASP A 110 -10.83 6.36 -37.13
N VAL A 111 -11.47 5.66 -36.21
CA VAL A 111 -12.49 4.67 -36.55
C VAL A 111 -13.85 5.31 -36.81
N GLY A 112 -14.35 5.15 -38.03
CA GLY A 112 -15.67 5.64 -38.42
C GLY A 112 -16.71 4.57 -38.17
N ASP A 113 -17.86 4.99 -37.62
CA ASP A 113 -18.93 4.08 -37.22
C ASP A 113 -18.44 3.00 -36.26
N ALA A 114 -17.93 3.44 -35.10
CA ALA A 114 -17.33 2.55 -34.12
C ALA A 114 -18.37 1.71 -33.37
N TYR A 115 -19.32 2.38 -32.73
CA TYR A 115 -20.37 1.71 -31.95
C TYR A 115 -21.50 1.20 -32.85
N PHE A 116 -21.53 1.68 -34.09
CA PHE A 116 -22.52 1.25 -35.08
C PHE A 116 -22.16 -0.11 -35.68
N SER A 117 -20.87 -0.45 -35.64
CA SER A 117 -20.37 -1.73 -36.17
C SER A 117 -20.54 -2.86 -35.15
N VAL A 118 -20.06 -2.64 -33.93
CA VAL A 118 -20.17 -3.63 -32.86
C VAL A 118 -21.60 -3.65 -32.31
N PRO A 119 -22.29 -4.80 -32.41
CA PRO A 119 -23.70 -4.91 -32.05
C PRO A 119 -23.94 -5.26 -30.58
N LEU A 120 -25.23 -5.28 -30.20
CA LEU A 120 -25.64 -5.61 -28.83
C LEU A 120 -26.40 -6.93 -28.80
N ASP A 121 -26.36 -7.61 -27.66
CA ASP A 121 -27.04 -8.89 -27.48
C ASP A 121 -28.56 -8.76 -27.53
N GLU A 122 -29.21 -9.75 -28.13
CA GLU A 122 -30.67 -9.76 -28.34
C GLU A 122 -31.49 -9.58 -27.05
N ASP A 123 -30.99 -10.11 -25.95
CA ASP A 123 -31.66 -10.02 -24.65
C ASP A 123 -31.65 -8.60 -24.08
N PHE A 124 -30.58 -7.86 -24.36
CA PHE A 124 -30.42 -6.49 -23.87
C PHE A 124 -31.01 -5.45 -24.81
N ARG A 125 -31.30 -5.86 -26.05
CA ARG A 125 -31.85 -4.98 -27.08
C ARG A 125 -33.22 -4.39 -26.72
N LYS A 126 -34.01 -5.16 -25.98
CA LYS A 126 -35.36 -4.72 -25.60
C LYS A 126 -35.38 -3.68 -24.47
N TYR A 127 -34.29 -3.59 -23.72
CA TYR A 127 -34.16 -2.63 -22.63
C TYR A 127 -33.73 -1.24 -23.13
N THR A 128 -33.14 -1.21 -24.33
CA THR A 128 -32.66 0.05 -24.92
C THR A 128 -33.69 0.68 -25.88
N ALA A 129 -34.96 0.34 -25.69
CA ALA A 129 -36.04 0.86 -26.53
C ALA A 129 -36.41 2.29 -26.14
N PHE A 130 -36.51 3.15 -27.15
CA PHE A 130 -36.85 4.56 -26.96
C PHE A 130 -38.06 4.97 -27.79
N THR A 131 -38.82 5.95 -27.28
CA THR A 131 -40.01 6.44 -27.98
C THR A 131 -39.81 7.86 -28.49
N ILE A 132 -40.07 8.06 -29.77
CA ILE A 132 -40.02 9.39 -30.39
C ILE A 132 -41.27 10.19 -30.03
N PRO A 133 -41.10 11.45 -29.58
CA PRO A 133 -42.22 12.33 -29.24
C PRO A 133 -43.25 12.47 -30.36
N SER A 134 -44.53 12.53 -29.97
CA SER A 134 -45.64 12.57 -30.92
C SER A 134 -45.74 13.89 -31.70
N ILE A 135 -46.54 13.87 -32.76
CA ILE A 135 -46.76 15.06 -33.59
C ILE A 135 -47.92 15.89 -33.02
N ASN A 136 -49.09 15.27 -32.92
CA ASN A 136 -50.30 15.93 -32.42
C ASN A 136 -51.30 14.96 -31.80
N ASN A 137 -52.11 15.47 -30.87
CA ASN A 137 -53.18 14.71 -30.21
C ASN A 137 -52.74 13.46 -29.45
N GLU A 138 -51.50 13.49 -28.95
CA GLU A 138 -50.90 12.39 -28.17
C GLU A 138 -51.00 11.02 -28.85
N THR A 139 -50.37 10.91 -30.01
CA THR A 139 -50.34 9.66 -30.78
C THR A 139 -49.21 8.75 -30.27
N PRO A 140 -49.40 7.41 -30.38
CA PRO A 140 -48.37 6.46 -29.97
C PRO A 140 -47.08 6.56 -30.79
N GLY A 141 -47.21 6.89 -32.08
CA GLY A 141 -46.07 7.04 -32.97
C GLY A 141 -45.43 5.72 -33.35
N ILE A 142 -44.13 5.77 -33.67
CA ILE A 142 -43.37 4.59 -34.04
C ILE A 142 -42.29 4.29 -33.01
N ARG A 143 -42.29 3.08 -32.48
CA ARG A 143 -41.34 2.64 -31.47
C ARG A 143 -40.06 2.11 -32.09
N TYR A 144 -38.92 2.44 -31.47
CA TYR A 144 -37.61 1.99 -31.95
C TYR A 144 -36.75 1.46 -30.80
N GLN A 145 -35.93 0.45 -31.11
CA GLN A 145 -34.98 -0.11 -30.14
C GLN A 145 -33.60 -0.27 -30.74
N TYR A 146 -32.57 -0.05 -29.91
CA TYR A 146 -31.18 -0.16 -30.34
C TYR A 146 -30.74 -1.61 -30.52
N ASN A 147 -30.27 -1.94 -31.72
CA ASN A 147 -29.72 -3.26 -32.01
C ASN A 147 -28.21 -3.29 -31.80
N VAL A 148 -27.58 -2.14 -32.00
CA VAL A 148 -26.13 -1.98 -31.78
C VAL A 148 -25.85 -1.22 -30.48
N LEU A 149 -24.59 -0.88 -30.25
CA LEU A 149 -24.19 -0.12 -29.05
C LEU A 149 -24.69 1.33 -29.10
N PRO A 150 -25.50 1.73 -28.11
CA PRO A 150 -26.04 3.09 -28.07
C PRO A 150 -25.01 4.11 -27.59
N GLN A 151 -25.20 5.37 -28.00
CA GLN A 151 -24.30 6.46 -27.62
C GLN A 151 -24.63 6.98 -26.23
N GLY A 152 -23.71 6.76 -25.28
CA GLY A 152 -23.87 7.22 -23.90
C GLY A 152 -24.19 6.11 -22.91
N TRP A 153 -23.74 4.90 -23.21
CA TRP A 153 -23.96 3.74 -22.35
C TRP A 153 -22.69 3.36 -21.62
N LYS A 154 -22.84 2.92 -20.39
CA LYS A 154 -21.71 2.60 -19.50
C LYS A 154 -20.85 1.43 -20.01
N GLY A 155 -21.50 0.44 -20.61
CA GLY A 155 -20.80 -0.75 -21.10
C GLY A 155 -20.31 -0.66 -22.53
N SER A 156 -20.50 0.51 -23.16
CA SER A 156 -20.09 0.73 -24.55
C SER A 156 -18.57 0.80 -24.76
N PRO A 157 -17.83 1.53 -23.90
CA PRO A 157 -16.37 1.55 -24.08
C PRO A 157 -15.67 0.27 -23.61
N ALA A 158 -16.37 -0.53 -22.81
CA ALA A 158 -15.82 -1.77 -22.26
C ALA A 158 -15.81 -2.90 -23.30
N ILE A 159 -16.94 -3.10 -23.97
CA ILE A 159 -17.09 -4.16 -24.97
C ILE A 159 -16.31 -3.86 -26.24
N PHE A 160 -16.33 -2.59 -26.67
CA PHE A 160 -15.64 -2.15 -27.88
C PHE A 160 -14.13 -2.34 -27.79
N GLN A 161 -13.56 -2.10 -26.62
CA GLN A 161 -12.13 -2.27 -26.38
C GLN A 161 -11.75 -3.75 -26.37
N SER A 162 -12.62 -4.57 -25.78
CA SER A 162 -12.41 -6.02 -25.71
C SER A 162 -12.55 -6.69 -27.07
N SER A 163 -13.43 -6.15 -27.91
CA SER A 163 -13.66 -6.65 -29.26
C SER A 163 -12.50 -6.29 -30.20
N MET A 164 -11.94 -5.10 -30.01
CA MET A 164 -10.81 -4.62 -30.81
C MET A 164 -9.52 -5.38 -30.49
N THR A 165 -9.39 -5.84 -29.25
CA THR A 165 -8.23 -6.62 -28.81
C THR A 165 -8.22 -7.99 -29.52
N LYS A 166 -9.39 -8.56 -29.72
CA LYS A 166 -9.54 -9.84 -30.42
C LYS A 166 -9.26 -9.72 -31.92
N ILE A 167 -9.57 -8.55 -32.48
CA ILE A 167 -9.30 -8.25 -33.89
C ILE A 167 -7.80 -8.09 -34.13
N LEU A 168 -7.14 -7.34 -33.26
CA LEU A 168 -5.70 -7.08 -33.35
C LEU A 168 -4.86 -8.13 -32.62
N GLU A 169 -5.47 -9.26 -32.27
CA GLU A 169 -4.79 -10.36 -31.59
C GLU A 169 -3.79 -11.10 -32.50
N PRO A 170 -4.21 -11.50 -33.73
CA PRO A 170 -3.26 -12.17 -34.61
C PRO A 170 -2.30 -11.21 -35.31
N PHE A 171 -2.68 -9.93 -35.38
CA PHE A 171 -1.89 -8.91 -36.06
C PHE A 171 -0.60 -8.57 -35.30
N ARG A 172 -0.66 -8.62 -33.98
CA ARG A 172 0.49 -8.34 -33.12
C ARG A 172 1.52 -9.47 -33.16
N LYS A 173 1.05 -10.70 -33.35
CA LYS A 173 1.91 -11.87 -33.43
C LYS A 173 2.66 -11.95 -34.77
N GLN A 174 2.01 -11.47 -35.82
CA GLN A 174 2.62 -11.43 -37.16
C GLN A 174 3.73 -10.39 -37.25
N ASN A 175 3.52 -9.25 -36.61
CA ASN A 175 4.52 -8.17 -36.56
C ASN A 175 4.83 -7.75 -35.13
N PRO A 176 5.87 -8.33 -34.53
CA PRO A 176 6.27 -8.02 -33.15
C PRO A 176 7.04 -6.70 -33.03
N ASP A 177 7.59 -6.22 -34.14
CA ASP A 177 8.40 -5.00 -34.17
C ASP A 177 7.59 -3.72 -34.00
N ILE A 178 6.32 -3.75 -34.41
CA ILE A 178 5.44 -2.59 -34.31
C ILE A 178 4.65 -2.57 -32.99
N VAL A 179 4.42 -1.37 -32.46
CA VAL A 179 3.66 -1.20 -31.23
C VAL A 179 2.39 -0.40 -31.51
N ILE A 180 1.24 -1.04 -31.26
CA ILE A 180 -0.07 -0.42 -31.51
C ILE A 180 -0.80 -0.19 -30.19
N TYR A 181 -1.36 1.00 -30.05
CA TYR A 181 -2.15 1.36 -28.86
C TYR A 181 -3.56 1.76 -29.24
N GLN A 182 -4.53 1.40 -28.39
CA GLN A 182 -5.93 1.74 -28.58
C GLN A 182 -6.46 2.66 -27.49
N TYR A 183 -7.13 3.74 -27.90
CA TYR A 183 -7.73 4.69 -26.96
C TYR A 183 -9.14 5.07 -27.41
N MET A 184 -10.13 4.51 -26.71
CA MET A 184 -11.56 4.72 -27.00
C MET A 184 -11.92 4.42 -28.46
N ASP A 185 -11.77 5.42 -29.33
CA ASP A 185 -12.04 5.28 -30.75
C ASP A 185 -10.76 5.39 -31.58
N ASP A 186 -9.83 6.23 -31.13
CA ASP A 186 -8.58 6.47 -31.83
C ASP A 186 -7.54 5.37 -31.59
N LEU A 187 -6.80 5.03 -32.63
CA LEU A 187 -5.73 4.03 -32.54
C LEU A 187 -4.39 4.61 -32.98
N TYR A 188 -3.37 4.45 -32.13
CA TYR A 188 -2.04 4.98 -32.40
C TYR A 188 -1.07 3.88 -32.83
N VAL A 189 -0.43 4.08 -33.98
CA VAL A 189 0.55 3.13 -34.52
C VAL A 189 1.91 3.81 -34.62
N GLY A 190 2.93 3.21 -34.00
CA GLY A 190 4.29 3.74 -34.02
C GLY A 190 5.34 2.65 -34.19
N SER A 191 6.34 2.94 -35.02
CA SER A 191 7.44 2.00 -35.29
C SER A 191 8.76 2.71 -35.57
N ASP A 192 9.85 1.97 -35.49
CA ASP A 192 11.19 2.49 -35.76
C ASP A 192 11.59 2.32 -37.23
N LEU A 193 10.67 1.81 -38.03
CA LEU A 193 10.90 1.57 -39.45
C LEU A 193 10.94 2.86 -40.27
N GLU A 194 11.40 2.75 -41.52
CA GLU A 194 11.47 3.89 -42.44
C GLU A 194 10.09 4.36 -42.89
N ILE A 195 10.04 5.57 -43.45
CA ILE A 195 8.78 6.21 -43.87
C ILE A 195 8.07 5.44 -44.99
N GLY A 196 8.85 4.76 -45.84
CA GLY A 196 8.30 3.97 -46.93
C GLY A 196 7.69 2.66 -46.48
N GLN A 197 8.35 2.00 -45.53
CA GLN A 197 7.89 0.72 -44.99
C GLN A 197 6.73 0.88 -44.01
N HIS A 198 6.67 2.03 -43.33
CA HIS A 198 5.63 2.32 -42.36
C HIS A 198 4.29 2.58 -43.00
N ARG A 199 4.32 3.19 -44.19
CA ARG A 199 3.10 3.52 -44.94
C ARG A 199 2.39 2.28 -45.46
N THR A 200 3.17 1.23 -45.76
CA THR A 200 2.64 -0.03 -46.27
C THR A 200 1.96 -0.83 -45.16
N LYS A 201 2.47 -0.72 -43.94
CA LYS A 201 1.94 -1.45 -42.78
C LYS A 201 0.57 -0.95 -42.35
N ILE A 202 0.34 0.37 -42.48
CA ILE A 202 -0.94 0.98 -42.16
C ILE A 202 -2.01 0.59 -43.19
N GLU A 203 -1.61 0.50 -44.46
CA GLU A 203 -2.49 0.07 -45.54
C GLU A 203 -2.97 -1.37 -45.34
N GLU A 204 -2.09 -2.21 -44.82
CA GLU A 204 -2.44 -3.59 -44.47
C GLU A 204 -3.29 -3.66 -43.22
N LEU A 205 -3.10 -2.69 -42.33
CA LEU A 205 -3.86 -2.59 -41.08
C LEU A 205 -5.29 -2.12 -41.36
N ARG A 206 -5.45 -1.28 -42.38
CA ARG A 206 -6.76 -0.77 -42.80
C ARG A 206 -7.65 -1.86 -43.38
N GLN A 207 -7.03 -2.78 -44.12
CA GLN A 207 -7.75 -3.91 -44.73
C GLN A 207 -8.17 -4.95 -43.70
N HIS A 208 -7.44 -5.01 -42.59
CA HIS A 208 -7.73 -5.93 -41.49
C HIS A 208 -8.95 -5.49 -40.71
N LEU A 209 -9.13 -4.18 -40.62
CA LEU A 209 -10.28 -3.59 -39.91
C LEU A 209 -11.52 -3.50 -40.79
N LEU A 210 -11.30 -3.44 -42.11
CA LEU A 210 -12.38 -3.33 -43.09
C LEU A 210 -13.19 -4.64 -43.20
N ARG A 211 -12.57 -5.75 -42.83
CA ARG A 211 -13.20 -7.07 -42.86
C ARG A 211 -14.38 -7.19 -41.89
N TRP A 212 -14.26 -6.53 -40.73
CA TRP A 212 -15.32 -6.53 -39.72
C TRP A 212 -16.36 -5.49 -40.00
N GLY A 213 -15.93 -4.36 -40.55
CA GLY A 213 -16.83 -3.26 -40.89
C GLY A 213 -16.47 -1.96 -40.19
N LEU A 214 -15.19 -1.58 -40.28
CA LEU A 214 -14.69 -0.36 -39.65
C LEU A 214 -14.13 0.60 -40.70
N THR A 215 -14.59 1.84 -40.65
CA THR A 215 -14.18 2.87 -41.62
C THR A 215 -12.88 3.55 -41.20
N THR A 216 -11.91 3.56 -42.12
CA THR A 216 -10.61 4.19 -41.89
C THR A 216 -10.30 5.22 -42.99
N PRO A 217 -9.75 6.39 -42.58
CA PRO A 217 -9.40 7.44 -43.54
C PRO A 217 -8.23 7.06 -44.45
N ASP A 218 -8.19 7.66 -45.63
CA ASP A 218 -7.14 7.39 -46.62
C ASP A 218 -5.85 8.15 -46.32
N LYS A 219 -4.85 7.99 -47.20
CA LYS A 219 -3.53 8.61 -47.04
C LYS A 219 -3.58 10.14 -47.00
N LYS A 220 -4.48 10.73 -47.78
CA LYS A 220 -4.65 12.18 -47.85
C LYS A 220 -5.35 12.74 -46.60
N HIS A 221 -6.16 11.92 -45.95
CA HIS A 221 -6.91 12.33 -44.77
C HIS A 221 -6.21 12.00 -43.47
N GLN A 222 -4.99 11.49 -43.57
CA GLN A 222 -4.18 11.15 -42.40
C GLN A 222 -3.65 12.39 -41.69
N LYS A 223 -3.64 12.34 -40.35
CA LYS A 223 -3.21 13.47 -39.53
C LYS A 223 -1.69 13.62 -39.47
N GLU A 224 -1.24 14.85 -39.27
CA GLU A 224 0.19 15.18 -39.21
C GLU A 224 0.83 14.74 -37.88
N PRO A 225 2.17 14.50 -37.88
CA PRO A 225 2.95 14.12 -36.70
C PRO A 225 2.68 14.89 -35.39
N PRO A 226 2.39 16.21 -35.45
CA PRO A 226 1.95 16.85 -34.21
C PRO A 226 0.55 16.39 -33.78
N PHE A 227 0.47 15.76 -32.61
CA PHE A 227 -0.81 15.28 -32.07
C PHE A 227 -1.17 15.99 -30.77
N LEU A 228 -2.47 16.03 -30.48
CA LEU A 228 -2.98 16.62 -29.24
C LEU A 228 -3.78 15.58 -28.45
N TRP A 229 -3.20 15.11 -27.35
CA TRP A 229 -3.82 14.09 -26.51
C TRP A 229 -3.64 14.38 -25.06
N MET A 230 -4.75 14.41 -24.32
CA MET A 230 -4.78 14.70 -22.87
C MET A 230 -4.14 16.03 -22.47
N GLY A 231 -4.13 16.98 -23.40
CA GLY A 231 -3.53 18.30 -23.18
C GLY A 231 -2.02 18.34 -23.40
N TYR A 232 -1.51 17.33 -24.10
CA TYR A 232 -0.08 17.25 -24.40
C TYR A 232 0.16 17.34 -25.90
N GLU A 233 1.18 18.11 -26.29
CA GLU A 233 1.61 18.20 -27.69
C GLU A 233 2.63 17.11 -27.96
N LEU A 234 2.31 16.22 -28.89
CA LEU A 234 3.13 15.04 -29.17
C LEU A 234 3.97 15.19 -30.44
N HIS A 235 5.23 14.75 -30.35
CA HIS A 235 6.16 14.76 -31.47
C HIS A 235 6.86 13.43 -31.57
N PRO A 236 7.36 13.08 -32.79
CA PRO A 236 8.05 11.80 -32.98
C PRO A 236 9.33 11.62 -32.16
N ASP A 237 9.96 12.73 -31.77
CA ASP A 237 11.23 12.67 -31.02
C ASP A 237 11.15 13.26 -29.61
N LYS A 238 10.22 14.20 -29.40
CA LYS A 238 10.06 14.87 -28.11
C LYS A 238 8.59 15.02 -27.71
N TRP A 239 8.34 15.61 -26.55
CA TRP A 239 6.99 15.93 -26.10
C TRP A 239 6.96 17.16 -25.23
N THR A 240 5.93 17.99 -25.40
CA THR A 240 5.79 19.22 -24.64
C THR A 240 4.34 19.47 -24.21
N VAL A 241 4.17 20.19 -23.10
CA VAL A 241 2.86 20.54 -22.59
C VAL A 241 2.34 21.82 -23.25
N GLN A 242 1.01 21.94 -23.35
CA GLN A 242 0.38 23.13 -23.92
C GLN A 242 0.58 24.35 -23.01
N PRO A 243 0.95 25.50 -23.61
CA PRO A 243 1.19 26.73 -22.85
C PRO A 243 -0.03 27.22 -22.08
N ILE A 244 0.15 27.51 -20.80
CA ILE A 244 -0.92 27.99 -19.93
C ILE A 244 -0.84 29.51 -19.78
N VAL A 245 -1.94 30.19 -20.11
CA VAL A 245 -2.01 31.64 -20.02
C VAL A 245 -2.73 32.07 -18.74
N LEU A 246 -2.03 32.83 -17.90
CA LEU A 246 -2.58 33.35 -16.65
C LEU A 246 -2.76 34.87 -16.70
N PRO A 247 -3.88 35.38 -16.11
CA PRO A 247 -4.11 36.82 -16.04
C PRO A 247 -3.11 37.53 -15.13
N GLU A 248 -2.52 38.60 -15.65
CA GLU A 248 -1.50 39.36 -14.91
C GLU A 248 -1.91 40.82 -14.68
N LYS A 249 -2.81 41.01 -13.71
CA LYS A 249 -3.29 42.34 -13.34
C LYS A 249 -3.62 42.40 -11.84
N ASP A 250 -4.70 41.73 -11.45
CA ASP A 250 -5.13 41.69 -10.06
C ASP A 250 -5.57 40.29 -9.63
N SER A 251 -5.35 39.96 -8.37
CA SER A 251 -5.79 38.68 -7.80
C SER A 251 -7.29 38.74 -7.52
N TRP A 252 -8.04 37.93 -8.26
CA TRP A 252 -9.51 37.94 -8.20
C TRP A 252 -10.09 36.83 -7.37
N THR A 253 -11.18 37.14 -6.68
CA THR A 253 -11.97 36.19 -5.87
C THR A 253 -11.16 35.25 -4.94
N VAL A 254 -11.79 34.13 -4.54
CA VAL A 254 -11.18 33.17 -3.62
C VAL A 254 -10.80 31.86 -4.31
N ASN A 255 -11.65 31.39 -5.21
CA ASN A 255 -11.43 30.12 -5.91
C ASN A 255 -10.35 30.18 -7.00
N ASP A 256 -10.11 31.37 -7.54
CA ASP A 256 -9.09 31.57 -8.56
C ASP A 256 -7.67 31.43 -8.03
N ILE A 257 -7.51 31.62 -6.72
CA ILE A 257 -6.23 31.38 -6.04
C ILE A 257 -5.91 29.89 -6.04
N GLN A 258 -6.93 29.08 -5.82
CA GLN A 258 -6.81 27.61 -5.87
C GLN A 258 -6.63 27.10 -7.29
N LYS A 259 -7.13 27.86 -8.27
CA LYS A 259 -6.97 27.54 -9.68
C LYS A 259 -5.52 27.72 -10.13
N LEU A 260 -4.82 28.68 -9.52
CA LEU A 260 -3.41 28.90 -9.79
C LEU A 260 -2.54 27.77 -9.24
N VAL A 261 -2.98 27.17 -8.14
CA VAL A 261 -2.33 26.00 -7.55
C VAL A 261 -2.50 24.79 -8.47
N GLY A 262 -3.70 24.66 -9.05
CA GLY A 262 -4.01 23.59 -10.00
C GLY A 262 -3.24 23.70 -11.31
N LYS A 263 -2.99 24.95 -11.73
CA LYS A 263 -2.18 25.23 -12.93
C LYS A 263 -0.71 24.91 -12.68
N LEU A 264 -0.24 25.15 -11.46
CA LEU A 264 1.11 24.81 -11.05
C LEU A 264 1.26 23.30 -10.82
N ASN A 265 0.16 22.66 -10.42
CA ASN A 265 0.10 21.21 -10.25
C ASN A 265 0.28 20.46 -11.57
N TRP A 266 -0.32 21.02 -12.63
CA TRP A 266 -0.21 20.47 -13.97
C TRP A 266 1.13 20.79 -14.59
N ALA A 267 1.77 21.85 -14.08
CA ALA A 267 3.09 22.26 -14.55
C ALA A 267 4.22 21.53 -13.82
N SER A 268 3.87 20.85 -12.73
CA SER A 268 4.83 20.13 -11.89
C SER A 268 5.42 18.89 -12.57
N GLN A 269 4.71 18.36 -13.56
CA GLN A 269 5.12 17.15 -14.28
C GLN A 269 6.28 17.38 -15.26
N ILE A 270 6.50 18.64 -15.64
CA ILE A 270 7.57 18.98 -16.59
C ILE A 270 8.55 20.04 -16.05
N TYR A 271 8.01 21.05 -15.36
CA TYR A 271 8.85 22.10 -14.77
C TYR A 271 9.33 21.69 -13.37
N PRO A 272 10.67 21.72 -13.16
CA PRO A 272 11.23 21.31 -11.86
C PRO A 272 11.08 22.36 -10.75
N GLY A 273 11.08 23.64 -11.13
CA GLY A 273 11.00 24.73 -10.16
C GLY A 273 9.58 25.21 -9.94
N ILE A 274 8.78 24.40 -9.24
CA ILE A 274 7.39 24.74 -8.93
C ILE A 274 7.14 24.69 -7.42
N LYS A 275 6.78 25.85 -6.86
CA LYS A 275 6.48 25.97 -5.43
C LYS A 275 5.00 26.23 -5.20
N VAL A 276 4.40 25.46 -4.30
CA VAL A 276 2.95 25.54 -4.03
C VAL A 276 2.61 25.67 -2.54
N ARG A 277 3.63 25.65 -1.68
CA ARG A 277 3.45 25.64 -0.23
C ARG A 277 2.81 26.91 0.33
N GLN A 278 3.27 28.08 -0.13
CA GLN A 278 2.79 29.36 0.37
C GLN A 278 1.39 29.71 -0.16
N LEU A 279 1.06 29.19 -1.34
CA LEU A 279 -0.26 29.40 -1.95
C LEU A 279 -1.35 28.60 -1.24
N CYS A 280 -0.99 27.43 -0.72
CA CYS A 280 -1.92 26.57 0.00
C CYS A 280 -2.22 27.06 1.41
N LYS A 281 -1.35 27.94 1.93
CA LYS A 281 -1.53 28.53 3.26
C LYS A 281 -2.69 29.52 3.31
N LEU A 282 -2.97 30.16 2.17
CA LEU A 282 -4.09 31.10 2.05
C LEU A 282 -5.44 30.38 1.97
N LEU A 283 -5.41 29.11 1.56
CA LEU A 283 -6.62 28.31 1.43
C LEU A 283 -7.01 27.59 2.73
N ARG A 284 -6.54 28.14 3.86
CA ARG A 284 -6.83 27.59 5.18
C ARG A 284 -8.25 27.91 5.64
N GLY A 285 -8.81 28.99 5.10
CA GLY A 285 -10.17 29.42 5.45
C GLY A 285 -11.23 28.51 4.87
N THR A 286 -12.06 27.94 5.76
CA THR A 286 -13.12 27.01 5.36
C THR A 286 -14.49 27.69 5.32
N LYS A 287 -15.41 27.09 4.56
CA LYS A 287 -16.78 27.58 4.39
C LYS A 287 -16.85 29.01 3.85
N ALA A 288 -16.60 29.16 2.55
CA ALA A 288 -16.62 30.46 1.90
C ALA A 288 -17.04 30.36 0.43
N LEU A 289 -17.95 31.25 0.03
CA LEU A 289 -18.38 31.34 -1.36
C LEU A 289 -17.60 32.41 -2.09
N THR A 290 -17.63 33.63 -1.56
CA THR A 290 -16.84 34.75 -2.08
C THR A 290 -16.09 35.44 -0.94
N GLU A 291 -14.86 34.99 -0.71
CA GLU A 291 -14.03 35.51 0.37
C GLU A 291 -13.12 36.64 -0.10
N VAL A 292 -12.52 36.45 -1.29
CA VAL A 292 -11.55 37.39 -1.88
C VAL A 292 -10.33 37.60 -0.98
N ILE A 293 -9.31 36.77 -1.19
CA ILE A 293 -8.09 36.81 -0.39
C ILE A 293 -7.07 37.80 -0.97
N PRO A 294 -6.66 38.80 -0.16
CA PRO A 294 -5.63 39.75 -0.59
C PRO A 294 -4.24 39.10 -0.63
N LEU A 295 -3.38 39.59 -1.52
CA LEU A 295 -2.03 39.05 -1.69
C LEU A 295 -1.08 39.51 -0.59
N THR A 296 -0.20 38.60 -0.17
CA THR A 296 0.78 38.89 0.88
C THR A 296 2.21 38.81 0.35
N GLU A 297 3.17 39.21 1.18
CA GLU A 297 4.59 39.24 0.80
C GLU A 297 5.19 37.84 0.63
N GLU A 298 4.85 36.93 1.54
CA GLU A 298 5.40 35.58 1.54
C GLU A 298 4.77 34.65 0.50
N ALA A 299 3.51 34.92 0.14
CA ALA A 299 2.78 34.09 -0.82
C ALA A 299 3.11 34.43 -2.27
N GLU A 300 3.31 35.72 -2.55
CA GLU A 300 3.61 36.19 -3.90
C GLU A 300 5.11 36.07 -4.23
N LEU A 301 5.91 35.78 -3.22
CA LEU A 301 7.36 35.67 -3.37
C LEU A 301 7.76 34.47 -4.23
N GLU A 302 7.11 33.33 -4.01
CA GLU A 302 7.35 32.12 -4.79
C GLU A 302 6.54 32.10 -6.09
N LEU A 303 5.54 32.96 -6.18
CA LEU A 303 4.70 33.07 -7.37
C LEU A 303 5.42 33.83 -8.49
N ALA A 304 6.33 34.72 -8.11
CA ALA A 304 7.09 35.53 -9.06
C ALA A 304 8.14 34.72 -9.82
N GLU A 305 8.78 33.77 -9.13
CA GLU A 305 9.80 32.93 -9.75
C GLU A 305 9.21 31.80 -10.60
N ASN A 306 7.96 31.44 -10.33
CA ASN A 306 7.26 30.41 -11.09
C ASN A 306 6.87 30.87 -12.50
N ARG A 307 6.60 32.16 -12.64
CA ARG A 307 6.22 32.77 -13.91
C ARG A 307 7.40 32.90 -14.87
N GLU A 308 8.61 32.99 -14.31
CA GLU A 308 9.84 33.13 -15.10
C GLU A 308 10.22 31.84 -15.83
N ILE A 309 9.93 30.70 -15.20
CA ILE A 309 10.25 29.38 -15.78
C ILE A 309 9.25 29.02 -16.89
N LEU A 310 8.02 29.51 -16.76
CA LEU A 310 6.95 29.26 -17.72
C LEU A 310 7.19 29.95 -19.07
N LYS A 311 8.01 30.99 -19.07
CA LYS A 311 8.32 31.76 -20.27
C LYS A 311 9.14 30.98 -21.29
N GLU A 312 10.12 30.23 -20.80
CA GLU A 312 10.99 29.42 -21.65
C GLU A 312 10.37 28.06 -21.94
N PRO A 313 10.24 27.71 -23.24
CA PRO A 313 9.67 26.42 -23.65
C PRO A 313 10.65 25.26 -23.45
N VAL A 314 10.18 24.18 -22.83
CA VAL A 314 10.98 22.98 -22.60
C VAL A 314 10.30 21.72 -23.11
N HIS A 315 11.10 20.73 -23.48
CA HIS A 315 10.58 19.46 -24.01
C HIS A 315 11.10 18.27 -23.25
N GLY A 316 10.27 17.23 -23.17
CA GLY A 316 10.64 15.99 -22.50
C GLY A 316 11.19 14.94 -23.45
N VAL A 317 11.85 13.93 -22.89
CA VAL A 317 12.49 12.88 -23.68
C VAL A 317 11.77 11.54 -23.44
N TYR A 318 11.72 10.72 -24.50
CA TYR A 318 11.10 9.39 -24.43
C TYR A 318 11.99 8.37 -23.74
N TYR A 319 11.38 7.31 -23.22
CA TYR A 319 12.08 6.26 -22.48
C TYR A 319 12.89 5.35 -23.40
N ASP A 320 14.11 5.03 -22.96
CA ASP A 320 14.99 4.11 -23.68
C ASP A 320 15.30 2.91 -22.78
N PRO A 321 15.01 1.68 -23.26
CA PRO A 321 15.19 0.45 -22.48
C PRO A 321 16.65 0.11 -22.15
N SER A 322 17.58 0.56 -22.99
CA SER A 322 19.00 0.24 -22.81
C SER A 322 19.66 1.06 -21.71
N LYS A 323 19.27 2.32 -21.58
CA LYS A 323 19.82 3.22 -20.56
C LYS A 323 19.04 3.14 -19.26
N ASP A 324 19.76 3.31 -18.14
CA ASP A 324 19.17 3.28 -16.80
C ASP A 324 18.64 4.65 -16.38
N LEU A 325 17.63 4.64 -15.52
CA LEU A 325 17.00 5.88 -15.05
C LEU A 325 17.71 6.44 -13.82
N ILE A 326 17.97 7.74 -13.83
CA ILE A 326 18.65 8.42 -12.73
C ILE A 326 17.77 9.52 -12.13
N ALA A 327 17.59 9.47 -10.81
CA ALA A 327 16.78 10.47 -10.10
C ALA A 327 17.61 11.19 -9.03
N GLU A 328 17.31 12.47 -8.82
CA GLU A 328 18.02 13.30 -7.85
C GLU A 328 17.05 14.14 -7.02
N ILE A 329 17.34 14.26 -5.73
CA ILE A 329 16.46 14.96 -4.78
C ILE A 329 17.02 16.35 -4.45
N GLN A 330 16.16 17.36 -4.51
CA GLN A 330 16.52 18.73 -4.18
C GLN A 330 15.56 19.34 -3.15
N LYS A 331 16.06 20.28 -2.36
CA LYS A 331 15.25 21.01 -1.39
C LYS A 331 15.14 22.48 -1.79
N GLN A 332 13.89 22.95 -1.93
CA GLN A 332 13.62 24.31 -2.37
C GLN A 332 12.93 25.16 -1.29
N GLY A 333 12.36 24.48 -0.29
CA GLY A 333 11.68 25.16 0.82
C GLY A 333 11.50 24.26 2.03
N GLN A 334 10.79 24.77 3.03
CA GLN A 334 10.52 24.04 4.26
C GLN A 334 9.40 23.01 4.09
N GLY A 335 9.76 21.73 4.22
CA GLY A 335 8.82 20.62 4.08
C GLY A 335 8.34 20.40 2.65
N GLN A 336 9.21 20.72 1.68
CA GLN A 336 8.89 20.55 0.26
C GLN A 336 10.09 19.97 -0.49
N TRP A 337 9.82 18.93 -1.27
CA TRP A 337 10.86 18.24 -2.04
C TRP A 337 10.50 18.11 -3.49
N THR A 338 11.47 18.36 -4.36
CA THR A 338 11.30 18.23 -5.81
C THR A 338 12.36 17.31 -6.40
N TYR A 339 11.92 16.45 -7.33
CA TYR A 339 12.81 15.49 -7.98
C TYR A 339 12.65 15.47 -9.50
N GLN A 340 13.73 15.11 -10.20
CA GLN A 340 13.69 14.93 -11.64
C GLN A 340 14.32 13.60 -12.07
N ILE A 341 13.64 12.92 -12.99
CA ILE A 341 14.12 11.65 -13.52
C ILE A 341 14.69 11.87 -14.92
N TYR A 342 15.92 11.42 -15.13
CA TYR A 342 16.61 11.60 -16.41
C TYR A 342 17.58 10.46 -16.72
N GLN A 343 17.68 10.13 -18.01
CA GLN A 343 18.64 9.11 -18.48
C GLN A 343 19.94 9.78 -18.92
N GLU A 344 19.81 10.91 -19.61
CA GLU A 344 20.96 11.70 -20.07
C GLU A 344 21.01 13.05 -19.33
N PRO A 345 22.22 13.60 -19.15
CA PRO A 345 22.36 14.90 -18.48
C PRO A 345 21.65 16.04 -19.22
N PHE A 346 21.14 17.01 -18.47
CA PHE A 346 20.39 18.17 -18.99
C PHE A 346 19.01 17.83 -19.55
N LYS A 347 18.90 16.68 -20.21
CA LYS A 347 17.65 16.23 -20.82
C LYS A 347 16.81 15.43 -19.82
N ASN A 348 15.75 16.05 -19.31
CA ASN A 348 14.87 15.43 -18.31
C ASN A 348 13.71 14.67 -18.92
N LEU A 349 13.25 13.63 -18.22
CA LEU A 349 12.12 12.82 -18.66
C LEU A 349 10.83 13.29 -18.00
N LYS A 350 10.78 13.20 -16.67
CA LYS A 350 9.60 13.59 -15.89
C LYS A 350 9.99 14.13 -14.52
N THR A 351 9.37 15.22 -14.12
CA THR A 351 9.62 15.83 -12.81
C THR A 351 8.42 15.61 -11.87
N GLY A 352 8.68 15.63 -10.57
CA GLY A 352 7.64 15.45 -9.57
C GLY A 352 7.83 16.31 -8.32
N LYS A 353 6.95 16.12 -7.34
CA LYS A 353 6.98 16.90 -6.10
C LYS A 353 6.43 16.15 -4.90
N TYR A 354 6.85 16.59 -3.71
CA TYR A 354 6.32 16.08 -2.44
C TYR A 354 6.15 17.25 -1.48
N ALA A 355 4.93 17.75 -1.38
CA ALA A 355 4.66 18.98 -0.64
C ALA A 355 3.68 18.83 0.53
N ARG A 356 2.92 17.74 0.54
CA ARG A 356 1.88 17.54 1.56
C ARG A 356 2.44 17.34 2.98
N MET A 357 1.95 18.16 3.90
CA MET A 357 2.28 18.04 5.32
C MET A 357 0.99 17.97 6.12
N ARG A 358 0.82 16.87 6.85
CA ARG A 358 -0.43 16.59 7.58
C ARG A 358 -0.64 17.49 8.79
N GLY A 359 0.47 18.01 9.34
CA GLY A 359 0.40 18.93 10.49
C GLY A 359 1.62 18.85 11.38
N ALA A 360 1.93 17.64 11.84
CA ALA A 360 3.06 17.40 12.74
C ALA A 360 4.38 17.28 11.99
N HIS A 361 5.47 17.14 12.74
CA HIS A 361 6.81 16.97 12.18
C HIS A 361 6.97 15.64 11.50
N THR A 362 7.67 15.64 10.37
CA THR A 362 7.88 14.42 9.59
C THR A 362 9.36 14.05 9.45
N ASN A 363 10.24 14.96 9.89
CA ASN A 363 11.70 14.82 9.78
C ASN A 363 12.22 14.91 8.34
N ASP A 364 13.23 15.74 8.15
CA ASP A 364 13.81 15.98 6.82
C ASP A 364 14.45 14.75 6.18
N VAL A 365 15.04 13.90 7.00
CA VAL A 365 15.67 12.66 6.53
C VAL A 365 14.61 11.61 6.21
N LYS A 366 13.56 11.56 7.05
CA LYS A 366 12.46 10.60 6.88
C LYS A 366 11.55 10.98 5.71
N GLN A 367 11.27 12.27 5.56
CA GLN A 367 10.43 12.78 4.48
C GLN A 367 11.11 12.62 3.11
N LEU A 368 12.44 12.66 3.11
CA LEU A 368 13.25 12.43 1.92
C LEU A 368 13.08 10.98 1.45
N THR A 369 13.03 10.05 2.39
CA THR A 369 12.82 8.62 2.11
C THR A 369 11.37 8.37 1.67
N GLU A 370 10.43 9.15 2.23
CA GLU A 370 9.02 9.09 1.83
C GLU A 370 8.82 9.62 0.41
N ALA A 371 9.66 10.57 0.02
CA ALA A 371 9.65 11.11 -1.34
C ALA A 371 10.19 10.11 -2.35
N VAL A 372 11.20 9.34 -1.93
CA VAL A 372 11.82 8.30 -2.77
C VAL A 372 10.82 7.17 -3.06
N GLN A 373 10.04 6.80 -2.04
CA GLN A 373 9.02 5.76 -2.18
C GLN A 373 7.90 6.16 -3.14
N LYS A 374 7.63 7.46 -3.22
CA LYS A 374 6.65 8.01 -4.17
C LYS A 374 7.16 7.87 -5.61
N ILE A 375 8.46 8.03 -5.81
CA ILE A 375 9.10 7.87 -7.11
C ILE A 375 9.14 6.39 -7.50
N THR A 376 9.49 5.54 -6.54
CA THR A 376 9.61 4.10 -6.74
C THR A 376 8.29 3.47 -7.20
N THR A 377 7.19 3.86 -6.53
CA THR A 377 5.86 3.35 -6.86
C THR A 377 5.37 3.87 -8.21
N GLU A 378 5.71 5.13 -8.52
CA GLU A 378 5.36 5.75 -9.79
C GLU A 378 6.16 5.17 -10.95
N SER A 379 7.38 4.73 -10.67
CA SER A 379 8.26 4.13 -11.67
C SER A 379 7.80 2.73 -12.08
N ILE A 380 7.08 2.05 -11.20
CA ILE A 380 6.54 0.71 -11.47
C ILE A 380 5.39 0.78 -12.48
N VAL A 381 4.55 1.81 -12.33
CA VAL A 381 3.37 1.98 -13.18
C VAL A 381 3.75 2.42 -14.59
N ILE A 382 4.61 3.44 -14.69
CA ILE A 382 4.95 4.05 -15.98
C ILE A 382 6.14 3.34 -16.66
N TRP A 383 7.29 3.34 -16.00
CA TRP A 383 8.52 2.78 -16.57
C TRP A 383 8.59 1.28 -16.46
N GLY A 384 8.22 0.76 -15.29
CA GLY A 384 8.23 -0.68 -15.04
C GLY A 384 9.46 -1.19 -14.30
N LYS A 385 10.40 -0.27 -14.02
CA LYS A 385 11.64 -0.63 -13.32
C LYS A 385 12.04 0.43 -12.29
N THR A 386 12.77 -0.01 -11.26
CA THR A 386 13.24 0.88 -10.20
C THR A 386 14.44 1.70 -10.65
N PRO A 387 14.38 3.03 -10.51
CA PRO A 387 15.47 3.92 -10.93
C PRO A 387 16.59 4.05 -9.91
N LYS A 388 17.76 4.49 -10.37
CA LYS A 388 18.90 4.74 -9.50
C LYS A 388 18.76 6.11 -8.86
N PHE A 389 18.72 6.15 -7.52
CA PHE A 389 18.51 7.38 -6.77
C PHE A 389 19.82 8.05 -6.37
N LYS A 390 19.78 9.38 -6.28
CA LYS A 390 20.92 10.16 -5.81
C LYS A 390 20.47 11.11 -4.70
N LEU A 391 20.84 10.76 -3.46
CA LEU A 391 20.37 11.48 -2.28
C LEU A 391 21.37 12.55 -1.82
N PRO A 392 20.87 13.71 -1.35
CA PRO A 392 21.74 14.78 -0.84
C PRO A 392 22.20 14.55 0.60
N ILE A 393 21.90 13.37 1.16
CA ILE A 393 22.29 13.02 2.52
C ILE A 393 23.53 12.14 2.55
N GLN A 394 24.35 12.32 3.58
CA GLN A 394 25.59 11.54 3.74
C GLN A 394 25.32 10.10 4.17
N LYS A 395 26.29 9.23 3.92
CA LYS A 395 26.20 7.81 4.27
C LYS A 395 26.29 7.58 5.79
N GLU A 396 27.02 8.47 6.46
CA GLU A 396 27.18 8.41 7.91
C GLU A 396 25.91 8.83 8.65
N THR A 397 25.21 9.82 8.10
CA THR A 397 23.96 10.34 8.67
C THR A 397 22.80 9.38 8.43
N TRP A 398 22.85 8.68 7.30
CA TRP A 398 21.80 7.74 6.90
C TRP A 398 21.76 6.52 7.80
N GLU A 399 22.94 6.04 8.20
CA GLU A 399 23.04 4.85 9.04
C GLU A 399 22.70 5.10 10.50
N THR A 400 22.92 6.34 10.96
CA THR A 400 22.68 6.70 12.36
C THR A 400 21.19 6.86 12.67
N TRP A 401 20.43 7.37 11.70
CA TRP A 401 19.01 7.69 11.90
C TRP A 401 18.12 6.48 11.98
N TRP A 402 18.26 5.55 11.04
CA TRP A 402 17.35 4.41 10.92
C TRP A 402 17.59 3.29 11.89
N THR A 403 18.82 3.21 12.42
CA THR A 403 19.18 2.18 13.39
C THR A 403 18.53 2.40 14.77
N GLU A 404 18.32 3.67 15.12
CA GLU A 404 17.69 4.02 16.39
C GLU A 404 16.18 4.23 16.27
N TYR A 405 15.71 4.45 15.04
CA TYR A 405 14.29 4.67 14.78
C TYR A 405 13.51 3.36 14.71
N TRP A 406 12.24 3.42 15.05
CA TRP A 406 11.38 2.23 15.13
C TRP A 406 10.94 1.71 13.78
N GLN A 407 10.74 2.60 12.83
CA GLN A 407 10.28 2.23 11.50
C GLN A 407 11.44 1.78 10.60
N ALA A 408 11.21 0.71 9.84
CA ALA A 408 12.23 0.15 8.96
C ALA A 408 11.94 0.45 7.49
N THR A 409 12.98 0.84 6.76
CA THR A 409 12.89 1.11 5.33
C THR A 409 14.17 0.67 4.61
N TRP A 410 14.06 0.36 3.32
CA TRP A 410 15.19 -0.13 2.54
C TRP A 410 15.28 0.48 1.18
N VAL A 411 16.45 1.03 0.87
CA VAL A 411 16.76 1.57 -0.46
C VAL A 411 17.83 0.68 -1.09
N PRO A 412 17.50 0.04 -2.22
CA PRO A 412 18.40 -0.93 -2.87
C PRO A 412 19.66 -0.29 -3.46
N GLU A 413 19.48 0.70 -4.33
CA GLU A 413 20.60 1.36 -5.00
C GLU A 413 20.51 2.89 -4.88
N TRP A 414 21.48 3.47 -4.18
CA TRP A 414 21.57 4.93 -4.04
C TRP A 414 23.00 5.39 -3.93
N GLU A 415 23.30 6.50 -4.60
CA GLU A 415 24.66 7.05 -4.65
C GLU A 415 24.72 8.42 -3.99
N PHE A 416 25.88 8.72 -3.39
CA PHE A 416 26.10 9.99 -2.71
C PHE A 416 26.57 11.08 -3.68
N VAL A 417 25.70 12.07 -3.92
CA VAL A 417 26.01 13.22 -4.76
C VAL A 417 25.62 14.50 -4.02
N ASN A 418 26.60 15.38 -3.83
CA ASN A 418 26.39 16.63 -3.10
C ASN A 418 25.66 17.69 -3.95
N THR A 419 24.66 18.31 -3.33
CA THR A 419 23.87 19.37 -3.98
C THR A 419 23.99 20.68 -3.21
N PRO A 420 23.85 21.83 -3.92
CA PRO A 420 23.88 23.15 -3.27
C PRO A 420 22.98 23.32 -2.03
N PRO A 421 21.71 22.85 -2.09
CA PRO A 421 20.96 22.88 -0.83
C PRO A 421 21.14 21.59 -0.03
N LEU A 422 22.21 21.54 0.76
CA LEU A 422 22.56 20.36 1.54
C LEU A 422 21.75 20.28 2.83
N VAL A 423 21.32 19.06 3.18
CA VAL A 423 20.56 18.81 4.40
C VAL A 423 21.44 18.11 5.43
N LYS A 424 21.55 18.71 6.62
CA LYS A 424 22.39 18.18 7.69
C LYS A 424 21.62 18.04 9.01
N LEU A 425 22.04 17.09 9.83
CA LEU A 425 21.43 16.83 11.13
C LEU A 425 21.84 17.90 12.14
N TRP A 426 20.88 18.35 12.95
CA TRP A 426 21.12 19.41 13.92
C TRP A 426 21.81 18.92 15.16
N TYR A 427 21.21 17.93 15.83
CA TYR A 427 21.73 17.43 17.11
C TYR A 427 21.44 15.93 17.31
N GLN A 428 22.25 15.31 18.18
CA GLN A 428 22.08 13.91 18.54
C GLN A 428 22.17 13.73 20.05
N LEU A 429 21.22 13.00 20.62
CA LEU A 429 21.17 12.76 22.07
C LEU A 429 22.20 11.74 22.52
N GLU A 430 22.75 11.96 23.71
CA GLU A 430 23.76 11.07 24.29
C GLU A 430 23.14 9.83 24.92
N LYS A 431 23.81 8.70 24.76
CA LYS A 431 23.36 7.42 25.30
C LYS A 431 23.76 7.25 26.77
N GLU A 432 24.95 7.74 27.11
CA GLU A 432 25.48 7.64 28.47
C GLU A 432 25.39 8.98 29.20
N PRO A 433 25.08 8.95 30.51
CA PRO A 433 24.98 10.19 31.31
C PRO A 433 26.32 10.90 31.47
N ILE A 434 26.27 12.23 31.53
CA ILE A 434 27.46 13.06 31.65
C ILE A 434 27.90 13.17 33.11
N VAL A 435 29.19 12.95 33.36
CA VAL A 435 29.75 13.03 34.70
C VAL A 435 30.12 14.47 35.09
N GLY A 436 29.77 14.85 36.32
CA GLY A 436 30.07 16.18 36.85
C GLY A 436 29.17 17.29 36.33
N ALA A 437 28.09 16.91 35.66
CA ALA A 437 27.14 17.87 35.09
C ALA A 437 25.93 18.08 36.01
N GLU A 438 25.32 19.26 35.91
CA GLU A 438 24.15 19.61 36.72
C GLU A 438 22.91 18.87 36.24
N THR A 439 22.19 18.27 37.18
CA THR A 439 20.98 17.49 36.89
C THR A 439 19.74 18.38 36.93
N PHE A 440 18.92 18.29 35.87
CA PHE A 440 17.69 19.06 35.77
C PHE A 440 16.47 18.14 35.72
N TYR A 441 15.51 18.38 36.62
CA TYR A 441 14.26 17.62 36.66
C TYR A 441 13.13 18.43 36.02
N VAL A 442 12.45 17.81 35.06
CA VAL A 442 11.40 18.48 34.29
C VAL A 442 10.03 17.86 34.55
N ASP A 443 9.11 18.69 35.05
CA ASP A 443 7.72 18.30 35.29
C ASP A 443 6.81 19.53 35.32
N GLY A 444 5.67 19.42 34.65
CA GLY A 444 4.71 20.51 34.56
C GLY A 444 3.27 20.06 34.57
N ALA A 445 2.38 20.92 35.08
CA ALA A 445 0.95 20.64 35.16
C ALA A 445 0.11 21.84 34.74
N ALA A 446 -1.04 21.57 34.13
CA ALA A 446 -1.95 22.63 33.66
C ALA A 446 -3.41 22.25 33.90
N SER A 447 -4.27 23.26 33.97
CA SER A 447 -5.70 23.06 34.17
C SER A 447 -6.49 23.26 32.88
N ARG A 448 -7.57 22.50 32.73
CA ARG A 448 -8.45 22.59 31.56
C ARG A 448 -9.32 23.85 31.60
N GLU A 449 -9.81 24.18 32.79
CA GLU A 449 -10.63 25.36 33.00
C GLU A 449 -9.78 26.62 33.05
N THR A 450 -10.24 27.67 32.38
CA THR A 450 -9.55 28.98 32.30
C THR A 450 -8.22 28.91 31.54
N LYS A 451 -7.72 27.69 31.32
CA LYS A 451 -6.47 27.42 30.60
C LYS A 451 -5.25 28.09 31.23
N LEU A 452 -4.85 27.56 32.39
CA LEU A 452 -3.69 28.07 33.14
C LEU A 452 -2.74 26.93 33.52
N GLY A 453 -1.45 27.18 33.40
CA GLY A 453 -0.43 26.19 33.72
C GLY A 453 0.85 26.78 34.28
N LYS A 454 1.61 25.95 35.00
CA LYS A 454 2.87 26.36 35.61
C LYS A 454 4.04 25.48 35.16
N ALA A 455 5.22 26.09 35.09
CA ALA A 455 6.44 25.37 34.70
C ALA A 455 7.59 25.69 35.66
N GLY A 456 8.31 24.64 36.06
CA GLY A 456 9.42 24.77 36.99
C GLY A 456 10.41 23.63 36.94
N TYR A 457 11.57 23.82 37.59
CA TYR A 457 12.62 22.81 37.64
C TYR A 457 13.40 22.86 38.96
N VAL A 458 13.72 21.69 39.50
CA VAL A 458 14.47 21.57 40.75
C VAL A 458 15.82 20.89 40.50
N THR A 459 16.90 21.56 40.90
CA THR A 459 18.25 21.05 40.72
C THR A 459 18.84 20.53 42.04
N ASN A 460 19.94 19.80 41.94
CA ASN A 460 20.65 19.26 43.11
C ASN A 460 21.39 20.32 43.92
N LYS A 461 21.71 21.44 43.27
CA LYS A 461 22.41 22.56 43.91
C LYS A 461 21.50 23.34 44.86
N GLY A 462 20.30 23.68 44.39
CA GLY A 462 19.32 24.39 45.20
C GLY A 462 18.52 25.46 44.49
N ARG A 463 18.99 25.86 43.30
CA ARG A 463 18.34 26.91 42.53
C ARG A 463 17.06 26.44 41.85
N GLN A 464 16.03 27.28 41.87
CA GLN A 464 14.72 26.96 41.29
C GLN A 464 13.98 28.20 40.79
N LYS A 465 13.14 28.02 39.77
CA LYS A 465 12.36 29.10 39.20
C LYS A 465 10.95 28.63 38.82
N VAL A 466 9.94 29.32 39.35
CA VAL A 466 8.54 28.99 39.08
C VAL A 466 7.84 30.15 38.36
N VAL A 467 7.25 29.87 37.21
CA VAL A 467 6.55 30.88 36.41
C VAL A 467 5.10 30.47 36.11
N THR A 468 4.27 31.47 35.81
CA THR A 468 2.87 31.23 35.45
C THR A 468 2.60 31.59 33.98
N LEU A 469 1.78 30.78 33.33
CA LEU A 469 1.44 30.97 31.92
C LEU A 469 -0.06 31.08 31.68
N THR A 470 -0.44 31.92 30.72
CA THR A 470 -1.84 32.14 30.37
C THR A 470 -2.17 31.56 28.99
N ASP A 471 -3.35 30.98 28.87
CA ASP A 471 -3.83 30.33 27.63
C ASP A 471 -2.84 29.28 27.12
N THR A 472 -2.80 28.13 27.82
CA THR A 472 -1.87 27.05 27.49
C THR A 472 -2.45 25.68 27.85
N THR A 473 -2.00 24.65 27.12
CA THR A 473 -2.42 23.27 27.37
C THR A 473 -1.37 22.51 28.19
N ASN A 474 -1.70 21.30 28.60
CA ASN A 474 -0.80 20.45 29.39
C ASN A 474 0.42 19.98 28.61
N GLN A 475 0.28 19.85 27.29
CA GLN A 475 1.36 19.44 26.40
C GLN A 475 2.39 20.56 26.19
N LYS A 476 1.93 21.80 26.32
CA LYS A 476 2.80 22.97 26.12
C LYS A 476 3.55 23.36 27.38
N THR A 477 2.95 23.10 28.54
CA THR A 477 3.55 23.42 29.85
C THR A 477 4.75 22.53 30.17
N GLU A 478 4.68 21.27 29.73
CA GLU A 478 5.79 20.32 29.87
C GLU A 478 6.91 20.68 28.89
N LEU A 479 6.52 21.22 27.72
CA LEU A 479 7.45 21.66 26.69
C LEU A 479 8.19 22.94 27.10
N GLN A 480 7.48 23.81 27.81
CA GLN A 480 8.06 25.08 28.29
C GLN A 480 9.09 24.89 29.40
N ALA A 481 8.94 23.82 30.18
CA ALA A 481 9.83 23.52 31.29
C ALA A 481 11.21 23.06 30.83
N ILE A 482 11.27 22.44 29.65
CA ILE A 482 12.53 22.00 29.05
C ILE A 482 13.33 23.21 28.54
N HIS A 483 12.62 24.20 28.02
CA HIS A 483 13.22 25.43 27.49
C HIS A 483 13.87 26.26 28.58
N LEU A 484 13.22 26.32 29.74
CA LEU A 484 13.74 27.09 30.88
C LEU A 484 14.90 26.39 31.58
N ALA A 485 14.93 25.07 31.50
CA ALA A 485 15.99 24.26 32.10
C ALA A 485 17.31 24.39 31.34
N LEU A 486 17.21 24.55 30.02
CA LEU A 486 18.38 24.69 29.15
C LEU A 486 18.84 26.15 29.05
N GLN A 487 17.97 27.08 29.45
CA GLN A 487 18.28 28.51 29.42
C GLN A 487 19.25 28.91 30.53
N ASP A 488 18.97 28.46 31.75
CA ASP A 488 19.80 28.77 32.91
C ASP A 488 20.72 27.59 33.27
N SER A 489 21.52 27.17 32.30
CA SER A 489 22.43 26.04 32.47
C SER A 489 23.77 26.28 31.78
N GLY A 490 24.76 25.43 32.08
CA GLY A 490 26.08 25.53 31.49
C GLY A 490 26.17 24.91 30.10
N LEU A 491 27.17 24.06 29.90
CA LEU A 491 27.38 23.41 28.60
C LEU A 491 26.78 22.00 28.57
N GLU A 492 27.11 21.18 29.57
CA GLU A 492 26.61 19.81 29.67
C GLU A 492 25.37 19.76 30.56
N VAL A 493 24.24 19.40 29.95
CA VAL A 493 22.95 19.40 30.64
C VAL A 493 22.33 18.01 30.66
N ASN A 494 21.88 17.58 31.84
CA ASN A 494 21.14 16.32 31.99
C ASN A 494 19.67 16.59 32.26
N ILE A 495 18.81 16.14 31.35
CA ILE A 495 17.37 16.40 31.42
C ILE A 495 16.60 15.12 31.78
N VAL A 496 15.83 15.18 32.87
CA VAL A 496 14.99 14.07 33.29
C VAL A 496 13.52 14.47 33.18
N THR A 497 12.81 13.84 32.25
CA THR A 497 11.39 14.13 32.01
C THR A 497 10.48 12.96 32.42
N ASN A 498 9.24 13.29 32.80
CA ASN A 498 8.27 12.28 33.20
C ASN A 498 7.26 11.92 32.11
N SER A 499 7.00 12.87 31.22
CA SER A 499 6.03 12.70 30.13
C SER A 499 6.62 11.95 28.94
N GLN A 500 5.81 11.07 28.36
CA GLN A 500 6.20 10.29 27.18
C GLN A 500 6.12 11.14 25.91
N TYR A 501 5.21 12.11 25.91
CA TYR A 501 5.00 13.01 24.78
C TYR A 501 6.22 13.89 24.49
N ALA A 502 6.84 14.40 25.56
CA ALA A 502 8.02 15.27 25.45
C ALA A 502 9.28 14.49 25.05
N LEU A 503 9.28 13.20 25.32
CA LEU A 503 10.42 12.32 25.01
C LEU A 503 10.56 12.08 23.50
N GLY A 504 9.42 12.00 22.81
CA GLY A 504 9.41 11.72 21.37
C GLY A 504 9.81 12.87 20.48
N ILE A 505 9.60 14.10 20.95
CA ILE A 505 9.90 15.31 20.18
C ILE A 505 11.41 15.58 20.12
N ILE A 506 12.10 15.40 21.24
CA ILE A 506 13.54 15.65 21.33
C ILE A 506 14.35 14.60 20.57
N GLN A 507 13.87 13.36 20.56
CA GLN A 507 14.51 12.27 19.82
C GLN A 507 14.43 12.48 18.30
N ALA A 508 13.31 13.03 17.84
CA ALA A 508 13.12 13.34 16.43
C ALA A 508 13.59 14.77 16.11
N GLN A 509 13.53 15.14 14.83
CA GLN A 509 13.94 16.48 14.40
C GLN A 509 12.74 17.25 13.83
N PRO A 510 12.18 18.19 14.62
CA PRO A 510 11.03 18.99 14.19
C PRO A 510 11.42 20.08 13.17
N ASP A 511 10.73 20.08 12.04
CA ASP A 511 10.94 21.08 10.99
C ASP A 511 9.68 21.26 10.14
N GLN A 512 8.77 22.10 10.64
CA GLN A 512 7.50 22.37 9.98
C GLN A 512 6.92 23.72 10.40
N SER A 513 5.70 24.01 9.95
CA SER A 513 4.97 25.21 10.36
C SER A 513 4.57 25.13 11.84
N GLU A 514 4.26 23.92 12.30
CA GLU A 514 3.99 23.65 13.70
C GLU A 514 5.31 23.52 14.46
N SER A 515 5.24 23.50 15.79
CA SER A 515 6.40 23.40 16.67
C SER A 515 7.29 24.65 16.61
N GLU A 516 6.66 25.82 16.75
CA GLU A 516 7.35 27.10 16.80
C GLU A 516 8.03 27.29 18.15
N LEU A 517 7.41 26.74 19.19
CA LEU A 517 7.94 26.78 20.55
C LEU A 517 9.15 25.86 20.69
N VAL A 518 9.14 24.76 19.95
CA VAL A 518 10.22 23.77 19.96
C VAL A 518 11.47 24.32 19.26
N ASN A 519 11.27 25.17 18.25
CA ASN A 519 12.36 25.79 17.49
C ASN A 519 13.33 26.60 18.34
N GLN A 520 12.84 27.14 19.46
CA GLN A 520 13.67 27.86 20.42
C GLN A 520 14.58 26.90 21.19
N ILE A 521 14.09 25.70 21.43
CA ILE A 521 14.86 24.65 22.13
C ILE A 521 15.90 24.03 21.19
N ILE A 522 15.51 23.80 19.93
CA ILE A 522 16.40 23.23 18.92
C ILE A 522 17.64 24.09 18.68
N GLU A 523 17.44 25.41 18.62
CA GLU A 523 18.53 26.37 18.43
C GLU A 523 19.54 26.32 19.59
N GLN A 524 19.04 26.09 20.79
CA GLN A 524 19.88 25.99 21.99
C GLN A 524 20.67 24.67 22.03
N LEU A 525 20.07 23.62 21.51
CA LEU A 525 20.68 22.28 21.50
C LEU A 525 21.91 22.18 20.61
N ILE A 526 21.95 22.99 19.55
CA ILE A 526 23.11 23.06 18.65
C ILE A 526 24.29 23.75 19.35
N LYS A 527 23.98 24.73 20.18
CA LYS A 527 24.99 25.49 20.93
C LYS A 527 25.66 24.64 22.01
N LYS A 528 24.89 23.76 22.65
CA LYS A 528 25.40 22.88 23.70
C LYS A 528 26.13 21.68 23.09
N GLU A 529 27.18 21.23 23.78
CA GLU A 529 28.01 20.12 23.30
C GLU A 529 27.35 18.76 23.52
N LYS A 530 27.01 18.46 24.77
CA LYS A 530 26.40 17.18 25.13
C LYS A 530 25.13 17.36 25.95
N VAL A 531 24.05 16.72 25.51
CA VAL A 531 22.76 16.78 26.19
C VAL A 531 22.22 15.36 26.39
N TYR A 532 21.91 15.04 27.65
CA TYR A 532 21.38 13.72 28.02
C TYR A 532 19.89 13.79 28.34
N LEU A 533 19.16 12.75 27.95
CA LEU A 533 17.72 12.67 28.18
C LEU A 533 17.33 11.31 28.78
N ALA A 534 16.49 11.37 29.82
CA ALA A 534 16.02 10.16 30.51
C ALA A 534 14.53 10.24 30.84
N TRP A 535 13.88 9.08 30.89
CA TRP A 535 12.45 9.00 31.16
C TRP A 535 12.16 8.31 32.47
N VAL A 536 11.23 8.88 33.24
CA VAL A 536 10.79 8.31 34.52
C VAL A 536 9.27 8.21 34.58
N PRO A 537 8.74 7.19 35.30
CA PRO A 537 7.29 7.06 35.47
C PRO A 537 6.71 8.17 36.34
N ALA A 538 5.54 8.69 35.95
CA ALA A 538 4.88 9.78 36.66
C ALA A 538 4.03 9.28 37.82
N HIS A 539 4.07 10.02 38.93
CA HIS A 539 3.32 9.71 40.16
C HIS A 539 3.60 8.33 40.70
N LYS A 540 4.72 8.20 41.41
CA LYS A 540 5.12 6.93 42.00
C LYS A 540 5.86 7.13 43.32
N GLY A 541 6.79 8.08 43.34
CA GLY A 541 7.57 8.40 44.54
C GLY A 541 9.07 8.36 44.30
N ILE A 542 9.49 8.95 43.19
CA ILE A 542 10.92 9.02 42.84
C ILE A 542 11.52 10.32 43.36
N GLY A 543 12.70 10.23 43.96
CA GLY A 543 13.41 11.40 44.48
C GLY A 543 13.89 12.32 43.39
N GLY A 544 13.38 13.55 43.40
CA GLY A 544 13.70 14.53 42.37
C GLY A 544 12.51 14.88 41.49
N ASN A 545 11.59 13.93 41.35
CA ASN A 545 10.39 14.12 40.54
C ASN A 545 9.19 14.62 41.36
N GLU A 546 9.15 14.24 42.64
CA GLU A 546 8.07 14.62 43.55
C GLU A 546 8.15 16.10 43.95
N GLN A 547 9.37 16.62 44.04
CA GLN A 547 9.61 18.00 44.44
C GLN A 547 9.11 19.02 43.40
N VAL A 548 9.25 18.66 42.12
CA VAL A 548 8.79 19.50 41.01
C VAL A 548 7.27 19.42 40.86
N ASP A 549 6.71 18.24 41.17
CA ASP A 549 5.28 17.97 41.04
C ASP A 549 4.43 18.78 42.03
N LYS A 550 4.98 19.03 43.22
CA LYS A 550 4.29 19.79 44.26
C LYS A 550 4.21 21.29 43.96
N LEU A 551 5.19 21.78 43.20
CA LEU A 551 5.25 23.20 42.85
C LEU A 551 4.26 23.59 41.75
N VAL A 552 4.12 22.73 40.75
CA VAL A 552 3.22 22.98 39.62
C VAL A 552 1.74 22.77 39.97
N SER A 553 1.49 21.88 40.94
CA SER A 553 0.13 21.58 41.37
C SER A 553 -0.25 22.28 42.68
N ALA A 554 0.48 23.36 42.99
CA ALA A 554 0.23 24.15 44.20
C ALA A 554 -1.03 25.01 44.06
N GLY A 555 -1.20 25.62 42.88
CA GLY A 555 -2.36 26.45 42.60
C GLY A 555 -3.38 25.77 41.71
N ILE A 556 -3.02 24.60 41.18
CA ILE A 556 -3.90 23.83 40.29
C ILE A 556 -4.41 22.57 41.00
N THR B 21 -18.86 -33.13 -9.03
CA THR B 21 -18.72 -31.67 -8.74
C THR B 21 -19.69 -31.20 -7.65
N VAL B 22 -19.30 -30.16 -6.93
CA VAL B 22 -20.12 -29.60 -5.85
C VAL B 22 -20.34 -28.09 -6.05
N PRO B 23 -21.61 -27.63 -6.02
CA PRO B 23 -21.93 -26.21 -6.14
C PRO B 23 -21.47 -25.40 -4.92
N VAL B 24 -20.86 -24.25 -5.17
CA VAL B 24 -20.36 -23.37 -4.11
C VAL B 24 -21.21 -22.10 -4.04
N LYS B 25 -21.77 -21.84 -2.86
CA LYS B 25 -22.60 -20.67 -2.64
C LYS B 25 -21.95 -19.69 -1.66
N LEU B 26 -22.04 -18.41 -1.99
CA LEU B 26 -21.47 -17.34 -1.16
C LEU B 26 -22.39 -16.98 0.01
N LYS B 27 -21.86 -16.16 0.92
CA LYS B 27 -22.62 -15.67 2.06
C LYS B 27 -23.67 -14.65 1.60
N PRO B 28 -24.95 -14.86 1.99
CA PRO B 28 -26.04 -13.96 1.58
C PRO B 28 -25.85 -12.52 2.06
N GLY B 29 -26.11 -11.57 1.16
CA GLY B 29 -25.94 -10.15 1.47
C GLY B 29 -24.63 -9.59 0.94
N MET B 30 -23.55 -10.34 1.14
CA MET B 30 -22.21 -9.94 0.70
C MET B 30 -21.98 -10.24 -0.77
N ASP B 31 -21.40 -9.27 -1.49
CA ASP B 31 -21.08 -9.43 -2.90
C ASP B 31 -19.63 -9.91 -3.07
N GLY B 32 -19.26 -10.23 -4.32
CA GLY B 32 -17.92 -10.70 -4.64
C GLY B 32 -16.82 -9.67 -4.42
N PRO B 33 -15.55 -10.13 -4.35
CA PRO B 33 -14.41 -9.25 -4.08
C PRO B 33 -14.10 -8.27 -5.22
N LYS B 34 -13.84 -7.03 -4.87
CA LYS B 34 -13.47 -5.99 -5.83
C LYS B 34 -12.29 -5.16 -5.31
N VAL B 35 -11.08 -5.66 -5.57
CA VAL B 35 -9.85 -5.01 -5.11
C VAL B 35 -9.06 -4.49 -6.31
N LYS B 36 -8.53 -3.28 -6.19
CA LYS B 36 -7.71 -2.67 -7.23
C LYS B 36 -6.38 -3.40 -7.41
N GLN B 37 -5.96 -3.55 -8.66
CA GLN B 37 -4.75 -4.30 -9.00
C GLN B 37 -3.48 -3.49 -8.69
N TRP B 38 -2.56 -4.12 -7.97
CA TRP B 38 -1.27 -3.51 -7.63
C TRP B 38 -0.28 -3.74 -8.74
N PRO B 39 0.39 -2.67 -9.19
CA PRO B 39 1.35 -2.74 -10.30
C PRO B 39 2.61 -3.56 -9.96
N LEU B 40 3.13 -4.25 -10.96
CA LEU B 40 4.33 -5.08 -10.80
C LEU B 40 5.44 -4.66 -11.76
N THR B 41 6.67 -5.14 -11.50
CA THR B 41 7.84 -4.79 -12.31
C THR B 41 7.79 -5.41 -13.70
N GLU B 42 8.57 -4.85 -14.62
CA GLU B 42 8.62 -5.27 -16.02
C GLU B 42 9.04 -6.74 -16.18
N GLU B 43 9.95 -7.18 -15.31
CA GLU B 43 10.43 -8.57 -15.32
C GLU B 43 9.36 -9.55 -14.83
N LYS B 44 8.53 -9.09 -13.90
CA LYS B 44 7.47 -9.91 -13.33
C LYS B 44 6.26 -10.05 -14.26
N ILE B 45 5.97 -8.98 -15.02
CA ILE B 45 4.84 -8.95 -15.96
C ILE B 45 4.99 -9.99 -17.06
N LYS B 46 6.16 -10.01 -17.70
CA LYS B 46 6.46 -10.98 -18.75
C LYS B 46 6.57 -12.42 -18.24
N ALA B 47 6.87 -12.55 -16.95
CA ALA B 47 6.95 -13.86 -16.29
C ALA B 47 5.57 -14.45 -16.06
N LEU B 48 4.58 -13.60 -15.81
CA LEU B 48 3.20 -14.02 -15.59
C LEU B 48 2.52 -14.52 -16.86
N VAL B 49 2.87 -13.90 -17.99
CA VAL B 49 2.29 -14.27 -19.29
C VAL B 49 2.73 -15.67 -19.73
N GLU B 50 4.00 -16.00 -19.44
CA GLU B 50 4.57 -17.31 -19.78
C GLU B 50 3.86 -18.46 -19.06
N ILE B 51 3.46 -18.23 -17.81
CA ILE B 51 2.74 -19.23 -17.02
C ILE B 51 1.28 -19.33 -17.48
N CYS B 52 0.66 -18.18 -17.74
CA CYS B 52 -0.74 -18.10 -18.15
C CYS B 52 -1.02 -18.73 -19.53
N THR B 53 -0.03 -18.67 -20.41
CA THR B 53 -0.15 -19.24 -21.76
C THR B 53 -0.09 -20.78 -21.70
N GLU B 54 0.77 -21.30 -20.83
CA GLU B 54 0.93 -22.75 -20.66
C GLU B 54 -0.27 -23.38 -19.95
N MET B 55 -0.87 -22.64 -19.02
CA MET B 55 -2.04 -23.12 -18.27
C MET B 55 -3.31 -23.10 -19.10
N GLU B 56 -3.37 -22.19 -20.07
CA GLU B 56 -4.54 -22.06 -20.96
C GLU B 56 -4.63 -23.23 -21.95
N LYS B 57 -3.49 -23.68 -22.44
CA LYS B 57 -3.42 -24.78 -23.40
C LYS B 57 -3.75 -26.13 -22.76
N GLU B 58 -3.37 -26.29 -21.50
CA GLU B 58 -3.63 -27.53 -20.75
C GLU B 58 -5.09 -27.64 -20.32
N GLY B 59 -5.69 -26.50 -19.96
CA GLY B 59 -7.08 -26.46 -19.51
C GLY B 59 -7.21 -26.12 -18.04
N LYS B 60 -6.62 -24.99 -17.66
CA LYS B 60 -6.66 -24.53 -16.27
C LYS B 60 -7.32 -23.17 -16.14
N ILE B 61 -7.03 -22.28 -17.09
CA ILE B 61 -7.62 -20.93 -17.12
C ILE B 61 -8.16 -20.56 -18.51
N SER B 62 -9.26 -19.81 -18.52
CA SER B 62 -9.90 -19.38 -19.76
C SER B 62 -10.16 -17.87 -19.78
N LYS B 63 -10.14 -17.29 -20.98
CA LYS B 63 -10.35 -15.86 -21.16
C LYS B 63 -11.82 -15.46 -21.04
N ILE B 64 -12.08 -14.33 -20.39
CA ILE B 64 -13.43 -13.77 -20.26
C ILE B 64 -13.49 -12.32 -20.74
N GLY B 65 -14.71 -11.84 -21.01
CA GLY B 65 -14.91 -10.48 -21.49
C GLY B 65 -14.90 -9.41 -20.40
N PRO B 66 -15.37 -8.19 -20.75
CA PRO B 66 -15.38 -7.06 -19.82
C PRO B 66 -16.63 -7.01 -18.93
N GLU B 67 -17.51 -8.01 -19.06
CA GLU B 67 -18.75 -8.07 -18.29
C GLU B 67 -18.52 -8.43 -16.81
N ASN B 68 -17.36 -9.00 -16.52
CA ASN B 68 -16.99 -9.41 -15.17
C ASN B 68 -16.49 -8.24 -14.33
N PRO B 69 -17.19 -7.93 -13.21
CA PRO B 69 -16.78 -6.83 -12.33
C PRO B 69 -15.83 -7.26 -11.21
N TYR B 70 -15.73 -8.56 -10.97
CA TYR B 70 -14.94 -9.09 -9.87
C TYR B 70 -13.46 -9.17 -10.24
N ASN B 71 -12.61 -8.66 -9.35
CA ASN B 71 -11.16 -8.65 -9.56
C ASN B 71 -10.40 -9.26 -8.39
N THR B 72 -9.30 -9.95 -8.70
CA THR B 72 -8.47 -10.60 -7.69
C THR B 72 -7.01 -10.18 -7.87
N PRO B 73 -6.37 -9.69 -6.79
CA PRO B 73 -4.96 -9.26 -6.85
C PRO B 73 -4.01 -10.42 -7.14
N VAL B 74 -3.04 -10.17 -8.03
CA VAL B 74 -2.07 -11.19 -8.43
C VAL B 74 -0.63 -10.67 -8.36
N PHE B 75 0.28 -11.49 -7.84
CA PHE B 75 1.69 -11.14 -7.69
C PHE B 75 2.60 -12.25 -8.21
N ALA B 76 3.89 -11.94 -8.33
CA ALA B 76 4.88 -12.91 -8.79
C ALA B 76 5.94 -13.19 -7.73
N ILE B 77 6.22 -14.48 -7.50
CA ILE B 77 7.19 -14.90 -6.50
C ILE B 77 8.25 -15.85 -7.08
N LYS B 78 9.42 -15.86 -6.47
CA LYS B 78 10.53 -16.72 -6.91
C LYS B 78 10.65 -18.00 -6.06
N LYS B 79 11.08 -19.07 -6.71
CA LYS B 79 11.24 -20.37 -6.04
C LYS B 79 12.72 -20.69 -5.81
N LYS B 80 12.98 -21.48 -4.76
CA LYS B 80 14.35 -21.87 -4.41
C LYS B 80 14.70 -23.26 -4.92
N ASP B 81 13.75 -24.20 -4.80
CA ASP B 81 13.96 -25.59 -5.23
C ASP B 81 13.85 -25.74 -6.74
N GLY B 82 12.85 -25.09 -7.33
CA GLY B 82 12.60 -25.17 -8.77
C GLY B 82 13.18 -24.02 -9.57
N THR B 83 13.84 -23.09 -8.87
CA THR B 83 14.47 -21.89 -9.45
C THR B 83 13.73 -21.29 -10.67
N LYS B 84 12.43 -21.07 -10.49
CA LYS B 84 11.58 -20.51 -11.54
C LYS B 84 10.50 -19.59 -10.96
N TRP B 85 9.94 -18.73 -11.81
CA TRP B 85 8.91 -17.79 -11.39
C TRP B 85 7.59 -18.47 -11.17
N ARG B 86 6.99 -18.22 -10.01
CA ARG B 86 5.71 -18.81 -9.63
C ARG B 86 4.62 -17.75 -9.49
N LYS B 87 3.39 -18.12 -9.87
CA LYS B 87 2.25 -17.21 -9.82
C LYS B 87 1.56 -17.27 -8.45
N LEU B 88 1.46 -16.11 -7.81
CA LEU B 88 0.83 -15.99 -6.50
C LEU B 88 -0.42 -15.11 -6.59
N VAL B 89 -1.56 -15.65 -6.17
CA VAL B 89 -2.83 -14.92 -6.19
C VAL B 89 -3.36 -14.75 -4.76
N ASP B 90 -3.60 -13.50 -4.39
CA ASP B 90 -4.08 -13.16 -3.04
C ASP B 90 -5.61 -13.29 -2.96
N PHE B 91 -6.06 -14.15 -2.05
CA PHE B 91 -7.50 -14.40 -1.86
C PHE B 91 -8.01 -13.93 -0.51
N ARG B 92 -7.30 -12.99 0.12
CA ARG B 92 -7.63 -12.49 1.45
C ARG B 92 -9.01 -11.82 1.53
N GLU B 93 -9.44 -11.21 0.43
CA GLU B 93 -10.76 -10.58 0.36
C GLU B 93 -11.86 -11.62 0.18
N LEU B 94 -11.57 -12.69 -0.57
CA LEU B 94 -12.51 -13.77 -0.82
C LEU B 94 -12.65 -14.70 0.39
N ASN B 95 -11.55 -14.90 1.11
CA ASN B 95 -11.52 -15.77 2.29
C ASN B 95 -12.40 -15.30 3.44
N LYS B 96 -12.63 -14.00 3.53
CA LYS B 96 -13.50 -13.40 4.53
C LYS B 96 -14.98 -13.68 4.24
N LYS B 97 -15.30 -13.87 2.96
CA LYS B 97 -16.67 -14.15 2.52
C LYS B 97 -16.93 -15.65 2.39
N THR B 98 -15.90 -16.41 2.03
CA THR B 98 -16.00 -17.85 1.84
C THR B 98 -15.60 -18.65 3.08
N GLN B 99 -15.71 -18.01 4.25
CA GLN B 99 -15.36 -18.65 5.52
C GLN B 99 -16.42 -19.64 6.00
N ASP B 100 -17.64 -19.50 5.50
CA ASP B 100 -18.75 -20.38 5.86
C ASP B 100 -18.64 -21.75 5.19
N PHE B 101 -17.99 -21.79 4.03
CA PHE B 101 -17.83 -23.02 3.26
C PHE B 101 -16.71 -23.90 3.80
N TRP B 102 -15.67 -23.28 4.36
CA TRP B 102 -14.48 -23.98 4.81
C TRP B 102 -14.43 -24.25 6.29
N GLU B 103 -15.48 -23.84 7.01
CA GLU B 103 -15.53 -24.03 8.47
C GLU B 103 -16.86 -24.62 8.95
N VAL B 104 -17.96 -24.00 8.52
CA VAL B 104 -19.30 -24.42 8.94
C VAL B 104 -19.77 -25.65 8.16
N GLN B 105 -19.65 -25.60 6.83
CA GLN B 105 -20.07 -26.70 5.96
C GLN B 105 -19.09 -27.88 6.00
N LEU B 106 -17.82 -27.59 5.71
CA LEU B 106 -16.77 -28.62 5.73
C LEU B 106 -15.56 -28.15 6.53
N GLY B 107 -15.51 -28.56 7.79
CA GLY B 107 -14.43 -28.17 8.70
C GLY B 107 -13.26 -29.13 8.71
N ILE B 108 -12.07 -28.59 8.96
CA ILE B 108 -10.84 -29.38 9.02
C ILE B 108 -10.47 -29.68 10.48
N PRO B 109 -10.38 -30.98 10.84
CA PRO B 109 -10.01 -31.39 12.19
C PRO B 109 -8.55 -31.10 12.52
N HIS B 110 -8.30 -30.57 13.72
CA HIS B 110 -6.95 -30.25 14.16
C HIS B 110 -6.59 -31.00 15.41
N PRO B 111 -5.49 -31.79 15.36
CA PRO B 111 -5.05 -32.57 16.52
C PRO B 111 -4.28 -31.74 17.55
N ALA B 112 -4.32 -32.18 18.80
CA ALA B 112 -3.62 -31.50 19.89
C ALA B 112 -2.16 -31.91 20.00
N GLY B 113 -1.85 -33.12 19.54
CA GLY B 113 -0.48 -33.65 19.58
C GLY B 113 0.31 -33.42 18.30
N LEU B 114 0.19 -32.21 17.76
CA LEU B 114 0.92 -31.82 16.55
C LEU B 114 2.08 -30.89 16.89
N LYS B 115 1.87 -30.06 17.91
CA LYS B 115 2.88 -29.10 18.37
C LYS B 115 4.02 -29.77 19.15
N LYS B 116 3.75 -30.95 19.70
CA LYS B 116 4.76 -31.69 20.47
C LYS B 116 5.34 -32.84 19.65
N LYS B 117 6.50 -32.59 19.05
CA LYS B 117 7.20 -33.58 18.22
C LYS B 117 8.71 -33.33 18.24
N LYS B 118 9.44 -34.03 17.37
CA LYS B 118 10.88 -33.87 17.25
C LYS B 118 11.28 -33.11 15.98
N SER B 119 10.72 -33.52 14.85
CA SER B 119 11.02 -32.89 13.56
C SER B 119 9.77 -32.79 12.68
N VAL B 120 9.57 -31.62 12.08
CA VAL B 120 8.44 -31.38 11.18
C VAL B 120 8.94 -31.05 9.77
N THR B 121 8.50 -31.84 8.79
CA THR B 121 8.89 -31.65 7.39
C THR B 121 7.74 -31.01 6.61
N VAL B 122 8.06 -29.97 5.85
CA VAL B 122 7.07 -29.23 5.07
C VAL B 122 7.14 -29.65 3.60
N LEU B 123 5.99 -30.08 3.06
CA LEU B 123 5.88 -30.48 1.66
C LEU B 123 4.76 -29.73 0.94
N ASP B 124 5.02 -29.35 -0.30
CA ASP B 124 4.05 -28.63 -1.11
C ASP B 124 3.09 -29.60 -1.83
N VAL B 125 1.81 -29.43 -1.57
CA VAL B 125 0.77 -30.27 -2.19
C VAL B 125 -0.24 -29.44 -2.99
N GLY B 126 0.16 -28.22 -3.35
CA GLY B 126 -0.70 -27.29 -4.09
C GLY B 126 -0.92 -27.65 -5.55
N ASP B 127 -0.03 -28.50 -6.09
CA ASP B 127 -0.11 -28.92 -7.49
C ASP B 127 -1.21 -29.97 -7.72
N ALA B 128 -1.67 -30.60 -6.64
CA ALA B 128 -2.69 -31.65 -6.71
C ALA B 128 -4.11 -31.10 -6.93
N TYR B 129 -4.30 -29.82 -6.63
CA TYR B 129 -5.61 -29.17 -6.72
C TYR B 129 -6.03 -28.85 -8.16
N PHE B 130 -5.09 -28.93 -9.10
CA PHE B 130 -5.35 -28.63 -10.50
C PHE B 130 -6.12 -29.73 -11.24
N SER B 131 -6.38 -30.84 -10.54
CA SER B 131 -7.11 -31.98 -11.10
C SER B 131 -8.62 -31.83 -10.96
N VAL B 132 -9.07 -31.41 -9.78
CA VAL B 132 -10.49 -31.26 -9.48
C VAL B 132 -11.03 -29.94 -10.06
N PRO B 133 -12.05 -30.02 -10.93
CA PRO B 133 -12.65 -28.82 -11.56
C PRO B 133 -13.49 -27.99 -10.59
N LEU B 134 -13.66 -26.72 -10.91
CA LEU B 134 -14.44 -25.78 -10.10
C LEU B 134 -15.86 -25.65 -10.63
N ASP B 135 -16.78 -25.18 -9.77
CA ASP B 135 -18.18 -24.98 -10.13
C ASP B 135 -18.34 -23.91 -11.21
N GLU B 136 -19.31 -24.11 -12.09
CA GLU B 136 -19.57 -23.22 -13.22
C GLU B 136 -19.94 -21.80 -12.80
N ASP B 137 -20.75 -21.68 -11.76
CA ASP B 137 -21.21 -20.39 -11.25
C ASP B 137 -20.12 -19.65 -10.47
N PHE B 138 -19.18 -20.40 -9.90
CA PHE B 138 -18.10 -19.84 -9.09
C PHE B 138 -16.89 -19.41 -9.91
N ARG B 139 -16.86 -19.81 -11.19
CA ARG B 139 -15.76 -19.48 -12.10
C ARG B 139 -15.56 -17.99 -12.33
N LYS B 140 -16.66 -17.24 -12.30
CA LYS B 140 -16.63 -15.80 -12.56
C LYS B 140 -16.04 -14.98 -11.41
N TYR B 141 -16.05 -15.54 -10.20
CA TYR B 141 -15.56 -14.85 -9.01
C TYR B 141 -14.04 -14.94 -8.85
N THR B 142 -13.41 -15.87 -9.57
CA THR B 142 -11.97 -16.09 -9.48
C THR B 142 -11.19 -15.41 -10.61
N ALA B 143 -11.79 -14.38 -11.21
CA ALA B 143 -11.17 -13.63 -12.30
C ALA B 143 -10.11 -12.66 -11.80
N PHE B 144 -8.99 -12.59 -12.51
CA PHE B 144 -7.87 -11.71 -12.15
C PHE B 144 -7.30 -10.95 -13.36
N THR B 145 -6.82 -9.74 -13.11
CA THR B 145 -6.24 -8.89 -14.15
C THR B 145 -4.73 -8.80 -14.00
N ILE B 146 -4.02 -8.90 -15.13
CA ILE B 146 -2.56 -8.80 -15.15
C ILE B 146 -2.15 -7.36 -15.47
N PRO B 147 -1.34 -6.74 -14.58
CA PRO B 147 -0.85 -5.37 -14.79
C PRO B 147 0.13 -5.27 -15.96
N SER B 148 0.18 -4.09 -16.58
CA SER B 148 1.03 -3.86 -17.74
C SER B 148 1.89 -2.59 -17.60
N ILE B 149 2.93 -2.50 -18.43
CA ILE B 149 3.84 -1.35 -18.43
C ILE B 149 3.18 -0.16 -19.13
N ASN B 150 3.04 0.94 -18.39
CA ASN B 150 2.45 2.20 -18.88
C ASN B 150 1.02 2.06 -19.42
N ASN B 151 0.34 1.00 -19.02
CA ASN B 151 -1.03 0.68 -19.45
C ASN B 151 -1.22 0.66 -20.98
N GLU B 152 -0.30 -0.02 -21.67
CA GLU B 152 -0.35 -0.15 -23.12
C GLU B 152 -1.45 -1.11 -23.56
N THR B 153 -1.52 -2.26 -22.90
CA THR B 153 -2.58 -3.25 -23.13
C THR B 153 -3.72 -3.05 -22.13
N PRO B 154 -4.98 -3.23 -22.58
CA PRO B 154 -6.16 -3.06 -21.73
C PRO B 154 -6.16 -3.98 -20.50
N GLY B 155 -5.55 -5.16 -20.63
CA GLY B 155 -5.46 -6.12 -19.54
C GLY B 155 -6.04 -7.47 -19.90
N ILE B 156 -5.17 -8.47 -19.97
CA ILE B 156 -5.57 -9.84 -20.29
C ILE B 156 -6.22 -10.50 -19.08
N ARG B 157 -7.44 -11.00 -19.28
CA ARG B 157 -8.23 -11.57 -18.19
C ARG B 157 -8.31 -13.10 -18.24
N TYR B 158 -8.21 -13.72 -17.07
CA TYR B 158 -8.32 -15.18 -16.94
C TYR B 158 -9.14 -15.57 -15.73
N GLN B 159 -9.94 -16.63 -15.88
CA GLN B 159 -10.72 -17.19 -14.77
C GLN B 159 -10.31 -18.64 -14.47
N TYR B 160 -10.35 -19.01 -13.20
CA TYR B 160 -9.98 -20.35 -12.77
C TYR B 160 -11.05 -21.39 -13.10
N ASN B 161 -10.66 -22.41 -13.85
CA ASN B 161 -11.54 -23.53 -14.18
C ASN B 161 -11.43 -24.66 -13.16
N VAL B 162 -10.28 -24.72 -12.47
CA VAL B 162 -10.04 -25.71 -11.41
C VAL B 162 -9.83 -25.01 -10.07
N LEU B 163 -9.43 -25.77 -9.05
CA LEU B 163 -9.19 -25.22 -7.71
C LEU B 163 -7.92 -24.35 -7.69
N PRO B 164 -8.08 -23.06 -7.32
CA PRO B 164 -6.96 -22.12 -7.31
C PRO B 164 -6.06 -22.29 -6.09
N GLN B 165 -4.80 -21.87 -6.23
CA GLN B 165 -3.83 -21.92 -5.13
C GLN B 165 -3.95 -20.66 -4.26
N GLY B 166 -4.15 -20.88 -2.96
CA GLY B 166 -4.28 -19.78 -2.00
C GLY B 166 -5.70 -19.56 -1.52
N TRP B 167 -6.62 -20.43 -1.94
CA TRP B 167 -8.01 -20.36 -1.53
C TRP B 167 -8.33 -21.42 -0.51
N LYS B 168 -9.05 -21.02 0.53
CA LYS B 168 -9.38 -21.92 1.65
C LYS B 168 -10.51 -22.91 1.36
N GLY B 169 -11.19 -22.71 0.23
CA GLY B 169 -12.26 -23.61 -0.20
C GLY B 169 -11.78 -24.80 -0.99
N SER B 170 -10.52 -24.75 -1.42
CA SER B 170 -9.91 -25.84 -2.19
C SER B 170 -9.61 -27.11 -1.38
N PRO B 171 -9.06 -26.96 -0.15
CA PRO B 171 -8.80 -28.15 0.67
C PRO B 171 -10.08 -28.79 1.23
N ALA B 172 -11.15 -28.01 1.33
CA ALA B 172 -12.43 -28.48 1.86
C ALA B 172 -13.10 -29.50 0.93
N ILE B 173 -13.01 -29.26 -0.37
CA ILE B 173 -13.56 -30.16 -1.39
C ILE B 173 -12.64 -31.36 -1.59
N PHE B 174 -11.34 -31.11 -1.54
CA PHE B 174 -10.32 -32.14 -1.75
C PHE B 174 -10.16 -33.05 -0.51
N GLN B 175 -10.74 -32.64 0.61
CA GLN B 175 -10.67 -33.38 1.88
C GLN B 175 -11.22 -34.79 1.78
N SER B 176 -12.27 -34.97 0.97
CA SER B 176 -12.90 -36.27 0.76
C SER B 176 -11.98 -37.24 0.02
N SER B 177 -11.11 -36.70 -0.83
CA SER B 177 -10.16 -37.50 -1.59
C SER B 177 -8.81 -37.64 -0.87
N MET B 178 -8.48 -36.65 -0.04
CA MET B 178 -7.21 -36.62 0.69
C MET B 178 -7.19 -37.63 1.84
N THR B 179 -8.34 -37.85 2.46
CA THR B 179 -8.47 -38.81 3.56
C THR B 179 -8.37 -40.25 3.06
N LYS B 180 -8.83 -40.48 1.83
CA LYS B 180 -8.82 -41.80 1.22
C LYS B 180 -7.41 -42.26 0.82
N ILE B 181 -6.59 -41.32 0.35
CA ILE B 181 -5.22 -41.64 -0.10
C ILE B 181 -4.21 -41.72 1.05
N LEU B 182 -4.53 -41.04 2.15
CA LEU B 182 -3.70 -41.06 3.36
C LEU B 182 -4.14 -42.16 4.34
N GLU B 183 -5.17 -42.91 3.97
CA GLU B 183 -5.70 -43.99 4.79
C GLU B 183 -4.71 -45.17 4.97
N PRO B 184 -4.03 -45.60 3.89
CA PRO B 184 -3.01 -46.64 4.07
C PRO B 184 -1.74 -46.12 4.75
N PHE B 185 -1.50 -44.82 4.67
CA PHE B 185 -0.34 -44.19 5.31
C PHE B 185 -0.54 -44.04 6.81
N ARG B 186 -1.76 -43.74 7.22
CA ARG B 186 -2.11 -43.59 8.64
C ARG B 186 -2.22 -44.94 9.34
N LYS B 187 -2.62 -45.97 8.60
CA LYS B 187 -2.74 -47.33 9.13
C LYS B 187 -1.36 -47.97 9.36
N GLN B 188 -0.40 -47.61 8.53
CA GLN B 188 0.98 -48.11 8.65
C GLN B 188 1.70 -47.45 9.83
N ASN B 189 1.49 -46.14 10.00
CA ASN B 189 2.10 -45.38 11.09
C ASN B 189 1.05 -44.70 11.97
N PRO B 190 0.64 -45.37 13.06
CA PRO B 190 -0.35 -44.82 14.00
C PRO B 190 0.20 -43.70 14.89
N ASP B 191 1.48 -43.80 15.24
CA ASP B 191 2.12 -42.83 16.14
C ASP B 191 2.42 -41.49 15.46
N ILE B 192 2.71 -41.53 14.16
CA ILE B 192 2.97 -40.32 13.38
C ILE B 192 1.65 -39.62 13.04
N VAL B 193 1.53 -38.35 13.45
CA VAL B 193 0.32 -37.56 13.23
C VAL B 193 0.49 -36.65 12.01
N ILE B 194 -0.49 -36.72 11.10
CA ILE B 194 -0.47 -35.92 9.88
C ILE B 194 -1.55 -34.83 9.88
N TYR B 195 -1.24 -33.70 9.25
CA TYR B 195 -2.16 -32.56 9.17
C TYR B 195 -2.01 -31.81 7.85
N GLN B 196 -3.14 -31.41 7.27
CA GLN B 196 -3.17 -30.66 6.02
C GLN B 196 -3.71 -29.25 6.24
N TYR B 197 -3.03 -28.27 5.65
CA TYR B 197 -3.44 -26.87 5.76
C TYR B 197 -3.16 -26.11 4.47
N MET B 198 -4.22 -25.56 3.88
CA MET B 198 -4.17 -24.79 2.62
C MET B 198 -3.50 -25.57 1.48
N ASP B 199 -2.20 -25.33 1.28
CA ASP B 199 -1.45 -25.97 0.22
C ASP B 199 -0.14 -26.60 0.73
N ASP B 200 0.07 -26.52 2.04
CA ASP B 200 1.26 -27.07 2.68
C ASP B 200 0.93 -28.27 3.56
N LEU B 201 1.76 -29.32 3.46
CA LEU B 201 1.58 -30.53 4.24
C LEU B 201 2.56 -30.55 5.42
N TYR B 202 2.03 -30.81 6.61
CA TYR B 202 2.84 -30.86 7.83
C TYR B 202 2.81 -32.24 8.47
N VAL B 203 3.97 -32.90 8.49
CA VAL B 203 4.10 -34.24 9.07
C VAL B 203 5.09 -34.20 10.24
N GLY B 204 4.60 -34.62 11.41
CA GLY B 204 5.42 -34.65 12.62
C GLY B 204 5.84 -36.07 12.98
N SER B 205 7.16 -36.26 13.10
CA SER B 205 7.72 -37.58 13.41
C SER B 205 8.51 -37.56 14.72
N ASP B 206 8.38 -38.64 15.49
CA ASP B 206 9.08 -38.79 16.77
C ASP B 206 10.33 -39.65 16.64
N LEU B 207 10.69 -40.00 15.41
CA LEU B 207 11.87 -40.81 15.13
C LEU B 207 13.15 -39.98 15.07
N GLU B 208 14.29 -40.67 14.90
CA GLU B 208 15.59 -40.03 14.82
C GLU B 208 15.75 -39.26 13.49
N ILE B 209 16.66 -38.29 13.48
CA ILE B 209 16.91 -37.45 12.30
C ILE B 209 17.38 -38.25 11.08
N GLY B 210 18.09 -39.34 11.32
CA GLY B 210 18.53 -40.25 10.26
C GLY B 210 17.40 -41.08 9.68
N GLN B 211 16.39 -41.35 10.52
CA GLN B 211 15.23 -42.13 10.11
C GLN B 211 14.08 -41.24 9.62
N HIS B 212 14.16 -39.94 9.91
CA HIS B 212 13.13 -38.98 9.52
C HIS B 212 13.10 -38.72 8.05
N ARG B 213 14.27 -38.74 7.41
CA ARG B 213 14.38 -38.51 5.97
C ARG B 213 13.86 -39.69 5.15
N THR B 214 13.93 -40.88 5.72
CA THR B 214 13.46 -42.10 5.07
C THR B 214 11.94 -42.19 5.05
N LYS B 215 11.31 -41.73 6.14
CA LYS B 215 9.86 -41.76 6.29
C LYS B 215 9.13 -40.81 5.33
N ILE B 216 9.74 -39.65 5.09
CA ILE B 216 9.20 -38.64 4.18
C ILE B 216 9.34 -39.08 2.72
N GLU B 217 10.45 -39.75 2.42
CA GLU B 217 10.73 -40.26 1.08
C GLU B 217 9.72 -41.35 0.66
N GLU B 218 9.30 -42.16 1.62
CA GLU B 218 8.29 -43.19 1.39
C GLU B 218 6.89 -42.59 1.19
N LEU B 219 6.63 -41.48 1.86
CA LEU B 219 5.37 -40.75 1.73
C LEU B 219 5.30 -40.00 0.40
N ARG B 220 6.45 -39.47 -0.03
CA ARG B 220 6.56 -38.74 -1.29
C ARG B 220 6.45 -39.68 -2.51
N GLN B 221 6.90 -40.92 -2.33
CA GLN B 221 6.83 -41.93 -3.38
C GLN B 221 5.40 -42.42 -3.62
N HIS B 222 4.56 -42.29 -2.60
CA HIS B 222 3.14 -42.66 -2.67
C HIS B 222 2.34 -41.68 -3.49
N LEU B 223 2.79 -40.43 -3.49
CA LEU B 223 2.14 -39.36 -4.25
C LEU B 223 2.30 -39.53 -5.77
N LEU B 224 3.47 -40.03 -6.17
CA LEU B 224 3.77 -40.28 -7.59
C LEU B 224 2.97 -41.46 -8.15
N ARG B 225 2.58 -42.39 -7.28
CA ARG B 225 1.79 -43.55 -7.66
C ARG B 225 0.33 -43.17 -7.96
N TRP B 226 -0.15 -42.12 -7.29
CA TRP B 226 -1.52 -41.64 -7.49
C TRP B 226 -1.66 -40.86 -8.76
N GLY B 227 -0.74 -39.92 -9.00
CA GLY B 227 -0.75 -39.11 -10.21
C GLY B 227 0.03 -37.80 -10.08
N LEU B 228 -0.49 -36.90 -9.25
CA LEU B 228 0.11 -35.57 -9.08
C LEU B 228 1.24 -35.58 -8.07
N THR B 229 2.24 -34.73 -8.33
CA THR B 229 3.41 -34.60 -7.44
C THR B 229 3.07 -33.83 -6.18
N GLY B 245 17.55 -28.73 2.28
CA GLY B 245 16.73 -29.38 3.29
C GLY B 245 15.93 -28.38 4.11
N TYR B 246 14.62 -28.60 4.16
CA TYR B 246 13.71 -27.73 4.90
C TYR B 246 13.09 -28.49 6.08
N GLU B 247 13.51 -28.13 7.28
CA GLU B 247 13.03 -28.80 8.51
C GLU B 247 12.89 -27.82 9.69
N LEU B 248 11.95 -28.12 10.57
CA LEU B 248 11.70 -27.30 11.76
C LEU B 248 11.70 -28.15 13.02
N HIS B 249 12.09 -27.53 14.14
CA HIS B 249 12.12 -28.21 15.44
C HIS B 249 11.07 -27.67 16.36
N PRO B 250 9.98 -28.44 16.57
CA PRO B 250 8.88 -28.02 17.44
C PRO B 250 9.23 -28.10 18.93
N ASP B 251 10.17 -28.97 19.28
CA ASP B 251 10.61 -29.14 20.66
C ASP B 251 11.56 -28.02 21.11
N LYS B 252 12.15 -27.33 20.14
CA LYS B 252 13.10 -26.25 20.39
C LYS B 252 12.45 -24.88 20.46
N TRP B 253 11.11 -24.84 20.45
CA TRP B 253 10.37 -23.59 20.59
C TRP B 253 10.02 -23.31 22.03
N THR B 254 10.99 -23.50 22.92
CA THR B 254 10.82 -23.25 24.35
C THR B 254 10.80 -21.75 24.65
N VAL B 255 9.97 -21.36 25.61
CA VAL B 255 9.82 -19.96 25.99
C VAL B 255 11.07 -19.47 26.74
N GLN B 256 11.80 -18.56 26.10
CA GLN B 256 13.00 -17.98 26.69
C GLN B 256 12.64 -16.88 27.70
N PRO B 257 13.09 -17.04 28.96
CA PRO B 257 12.78 -16.07 30.02
C PRO B 257 13.52 -14.75 29.86
N ILE B 258 12.86 -13.66 30.20
CA ILE B 258 13.46 -12.32 30.15
C ILE B 258 14.26 -12.08 31.43
N VAL B 259 15.57 -11.92 31.27
CA VAL B 259 16.47 -11.73 32.41
C VAL B 259 16.88 -10.26 32.58
N LEU B 260 16.97 -9.84 33.84
CA LEU B 260 17.38 -8.47 34.18
C LEU B 260 18.91 -8.36 34.20
N PRO B 261 19.46 -7.24 33.71
CA PRO B 261 20.91 -7.02 33.67
C PRO B 261 21.53 -7.00 35.07
N GLU B 262 22.61 -7.75 35.25
CA GLU B 262 23.31 -7.82 36.53
C GLU B 262 24.42 -6.76 36.60
N LYS B 263 24.43 -6.01 37.69
CA LYS B 263 25.39 -4.94 37.90
C LYS B 263 25.91 -4.94 39.33
N ASP B 264 27.22 -4.75 39.49
CA ASP B 264 27.86 -4.73 40.80
C ASP B 264 27.58 -3.42 41.54
N SER B 265 27.74 -2.30 40.84
CA SER B 265 27.48 -0.98 41.40
C SER B 265 26.34 -0.29 40.68
N TRP B 266 25.23 -0.09 41.38
CA TRP B 266 24.03 0.52 40.81
C TRP B 266 24.01 2.00 40.99
N THR B 267 23.84 2.73 39.89
CA THR B 267 23.75 4.19 39.91
C THR B 267 22.31 4.66 39.74
N VAL B 268 22.07 5.94 40.01
CA VAL B 268 20.73 6.54 39.91
C VAL B 268 20.15 6.40 38.49
N ASN B 269 21.01 6.59 37.48
CA ASN B 269 20.61 6.46 36.09
C ASN B 269 20.18 5.03 35.71
N ASP B 270 20.81 4.05 36.36
CA ASP B 270 20.47 2.63 36.14
C ASP B 270 19.15 2.26 36.80
N ILE B 271 18.84 2.88 37.94
CA ILE B 271 17.60 2.64 38.67
C ILE B 271 16.40 3.26 37.95
N GLN B 272 16.57 4.50 37.50
CA GLN B 272 15.51 5.24 36.80
C GLN B 272 15.00 4.54 35.54
N LYS B 273 15.91 3.86 34.84
CA LYS B 273 15.56 3.07 33.66
C LYS B 273 14.90 1.74 34.06
N LEU B 274 15.32 1.21 35.20
CA LEU B 274 14.81 -0.07 35.71
C LEU B 274 13.38 0.03 36.23
N VAL B 275 13.08 1.13 36.91
CA VAL B 275 11.74 1.37 37.46
C VAL B 275 10.71 1.59 36.34
N GLY B 276 11.09 2.37 35.33
CA GLY B 276 10.22 2.70 34.20
C GLY B 276 9.83 1.51 33.34
N LYS B 277 10.76 0.57 33.17
CA LYS B 277 10.53 -0.63 32.37
C LYS B 277 9.64 -1.66 33.07
N LEU B 278 9.85 -1.83 34.37
CA LEU B 278 9.09 -2.78 35.17
C LEU B 278 7.70 -2.28 35.54
N ASN B 279 7.52 -0.95 35.52
CA ASN B 279 6.21 -0.33 35.76
C ASN B 279 5.27 -0.53 34.58
N TRP B 280 5.84 -0.61 33.38
CA TRP B 280 5.09 -0.90 32.16
C TRP B 280 4.68 -2.34 32.10
N ALA B 281 5.47 -3.21 32.74
CA ALA B 281 5.20 -4.64 32.78
C ALA B 281 4.39 -5.06 34.01
N SER B 282 3.94 -4.08 34.79
CA SER B 282 3.14 -4.33 35.99
C SER B 282 1.72 -4.79 35.63
N GLN B 283 1.22 -4.31 34.50
CA GLN B 283 -0.10 -4.71 34.00
C GLN B 283 -0.08 -6.12 33.39
N ILE B 284 1.09 -6.53 32.92
CA ILE B 284 1.29 -7.88 32.38
C ILE B 284 1.55 -8.87 33.51
N TYR B 285 2.50 -8.51 34.39
CA TYR B 285 2.86 -9.34 35.53
C TYR B 285 2.50 -8.63 36.84
N PRO B 286 1.50 -9.17 37.58
CA PRO B 286 1.02 -8.57 38.83
C PRO B 286 1.99 -8.74 40.01
N GLY B 287 2.90 -9.70 39.90
CA GLY B 287 3.84 -10.01 40.97
C GLY B 287 4.90 -8.95 41.22
N ILE B 288 5.32 -8.27 40.16
CA ILE B 288 6.37 -7.26 40.24
C ILE B 288 5.85 -5.96 40.86
N LYS B 289 6.55 -5.49 41.89
CA LYS B 289 6.24 -4.23 42.57
C LYS B 289 7.44 -3.29 42.56
N VAL B 290 7.17 -2.01 42.33
CA VAL B 290 8.23 -0.99 42.28
C VAL B 290 8.17 -0.02 43.48
N ARG B 291 7.66 -0.53 44.61
CA ARG B 291 7.49 0.27 45.81
C ARG B 291 8.81 0.48 46.57
N GLN B 292 9.58 -0.61 46.69
CA GLN B 292 10.85 -0.58 47.44
C GLN B 292 11.97 0.11 46.67
N LEU B 293 11.90 0.07 45.35
CA LEU B 293 12.93 0.66 44.48
C LEU B 293 12.88 2.19 44.47
N CYS B 294 11.68 2.75 44.58
CA CYS B 294 11.48 4.20 44.58
C CYS B 294 11.82 4.84 45.92
N LYS B 295 11.77 4.03 47.00
CA LYS B 295 12.08 4.51 48.34
C LYS B 295 13.58 4.69 48.60
N LEU B 296 14.39 4.12 47.70
CA LEU B 296 15.86 4.24 47.78
C LEU B 296 16.33 5.66 47.48
N LEU B 297 15.63 6.34 46.57
CA LEU B 297 15.95 7.72 46.20
C LEU B 297 15.14 8.71 47.03
N ARG B 298 15.84 9.52 47.81
CA ARG B 298 15.22 10.54 48.65
C ARG B 298 15.77 11.93 48.34
N GLY B 299 14.92 12.77 47.76
CA GLY B 299 15.32 14.12 47.35
C GLY B 299 16.04 14.14 46.01
N THR B 300 16.43 15.33 45.58
CA THR B 300 17.13 15.51 44.31
C THR B 300 18.58 15.00 44.35
N LYS B 301 18.91 14.14 43.40
CA LYS B 301 20.25 13.54 43.31
C LYS B 301 20.75 13.47 41.86
N ALA B 302 22.08 13.49 41.72
CA ALA B 302 22.72 13.36 40.41
C ALA B 302 22.83 11.90 39.99
N LEU B 303 22.89 11.66 38.68
CA LEU B 303 22.97 10.31 38.13
C LEU B 303 24.33 9.65 38.36
N THR B 304 25.35 10.48 38.59
CA THR B 304 26.72 10.01 38.83
C THR B 304 26.84 9.35 40.22
N GLU B 305 26.04 9.82 41.17
CA GLU B 305 26.06 9.32 42.53
C GLU B 305 25.63 7.86 42.62
N VAL B 306 26.39 7.06 43.36
CA VAL B 306 26.11 5.63 43.52
C VAL B 306 25.29 5.40 44.80
N ILE B 307 24.13 4.76 44.63
CA ILE B 307 23.24 4.44 45.75
C ILE B 307 23.23 2.94 46.04
N PRO B 308 23.66 2.54 47.25
CA PRO B 308 23.66 1.14 47.66
C PRO B 308 22.25 0.63 47.95
N LEU B 309 22.00 -0.64 47.63
CA LEU B 309 20.70 -1.27 47.86
C LEU B 309 20.59 -1.83 49.27
N THR B 310 19.41 -1.67 49.87
CA THR B 310 19.13 -2.17 51.21
C THR B 310 18.73 -3.64 51.20
N GLU B 311 18.42 -4.18 52.38
CA GLU B 311 17.99 -5.57 52.53
C GLU B 311 16.64 -5.85 51.86
N GLU B 312 15.75 -4.86 51.91
CA GLU B 312 14.44 -4.96 51.28
C GLU B 312 14.52 -4.79 49.76
N ALA B 313 15.49 -4.00 49.30
CA ALA B 313 15.69 -3.74 47.88
C ALA B 313 16.31 -4.94 47.16
N GLU B 314 17.22 -5.63 47.84
CA GLU B 314 17.88 -6.82 47.29
C GLU B 314 16.96 -8.03 47.27
N LEU B 315 16.03 -8.09 48.22
CA LEU B 315 15.08 -9.19 48.33
C LEU B 315 13.98 -9.10 47.27
N GLU B 316 13.53 -7.88 46.98
CA GLU B 316 12.46 -7.63 46.02
C GLU B 316 12.93 -7.80 44.57
N LEU B 317 14.14 -7.31 44.28
CA LEU B 317 14.71 -7.36 42.94
C LEU B 317 15.04 -8.79 42.50
N ALA B 318 15.47 -9.62 43.46
CA ALA B 318 15.76 -11.03 43.19
C ALA B 318 14.49 -11.86 43.03
N GLU B 319 13.41 -11.41 43.69
CA GLU B 319 12.11 -12.08 43.63
C GLU B 319 11.43 -11.81 42.28
N ASN B 320 11.67 -10.64 41.71
CA ASN B 320 11.11 -10.25 40.42
C ASN B 320 11.63 -11.07 39.24
N ARG B 321 12.85 -11.58 39.36
CA ARG B 321 13.46 -12.43 38.33
C ARG B 321 12.81 -13.81 38.27
N GLU B 322 12.32 -14.28 39.42
CA GLU B 322 11.65 -15.58 39.52
C GLU B 322 10.28 -15.58 38.85
N ILE B 323 9.62 -14.43 38.87
CA ILE B 323 8.30 -14.26 38.25
C ILE B 323 8.44 -14.19 36.72
N LEU B 324 9.56 -13.66 36.24
CA LEU B 324 9.84 -13.55 34.81
C LEU B 324 10.17 -14.90 34.17
N LYS B 325 10.82 -15.78 34.95
CA LYS B 325 11.19 -17.12 34.48
C LYS B 325 10.00 -18.07 34.45
N GLU B 326 9.20 -18.04 35.51
CA GLU B 326 8.01 -18.87 35.64
C GLU B 326 6.87 -18.30 34.78
N PRO B 327 6.20 -19.17 33.98
CA PRO B 327 5.06 -18.74 33.16
C PRO B 327 3.94 -18.13 33.97
N VAL B 328 3.38 -17.02 33.48
CA VAL B 328 2.33 -16.28 34.18
C VAL B 328 0.98 -17.01 34.10
N HIS B 329 0.24 -16.99 35.21
CA HIS B 329 -1.06 -17.63 35.29
C HIS B 329 -2.13 -16.82 34.62
N GLY B 330 -2.96 -17.48 33.82
CA GLY B 330 -4.03 -16.82 33.09
C GLY B 330 -3.88 -16.87 31.59
N VAL B 331 -2.97 -17.73 31.12
CA VAL B 331 -2.71 -17.91 29.70
C VAL B 331 -3.53 -19.09 29.16
N TYR B 332 -4.43 -18.81 28.23
CA TYR B 332 -5.30 -19.82 27.64
C TYR B 332 -5.61 -19.52 26.17
N TYR B 333 -5.80 -20.57 25.38
CA TYR B 333 -6.13 -20.44 23.96
C TYR B 333 -7.65 -20.45 23.74
N ASP B 334 -8.11 -19.48 22.95
CA ASP B 334 -9.53 -19.36 22.62
C ASP B 334 -9.71 -19.21 21.10
N PRO B 335 -10.34 -20.21 20.46
CA PRO B 335 -10.50 -20.24 19.00
C PRO B 335 -11.50 -19.22 18.46
N SER B 336 -12.39 -18.72 19.32
CA SER B 336 -13.39 -17.73 18.92
C SER B 336 -12.79 -16.36 18.65
N LYS B 337 -11.75 -16.01 19.42
CA LYS B 337 -11.06 -14.72 19.27
C LYS B 337 -9.93 -14.80 18.26
N ASP B 338 -9.70 -13.70 17.54
CA ASP B 338 -8.65 -13.62 16.52
C ASP B 338 -7.26 -13.47 17.15
N LEU B 339 -6.27 -14.06 16.50
CA LEU B 339 -4.88 -14.01 16.97
C LEU B 339 -4.16 -12.77 16.46
N ILE B 340 -3.46 -12.08 17.35
CA ILE B 340 -2.74 -10.84 17.02
C ILE B 340 -1.24 -11.00 17.25
N ALA B 341 -0.44 -10.59 16.27
CA ALA B 341 1.02 -10.63 16.36
C ALA B 341 1.63 -9.25 16.10
N GLU B 342 2.61 -8.88 16.92
CA GLU B 342 3.28 -7.59 16.79
C GLU B 342 4.79 -7.75 16.74
N ILE B 343 5.40 -7.26 15.66
CA ILE B 343 6.84 -7.34 15.46
C ILE B 343 7.47 -5.96 15.66
N GLN B 344 8.53 -5.92 16.47
CA GLN B 344 9.22 -4.67 16.79
C GLN B 344 10.67 -4.65 16.31
N LYS B 345 11.11 -3.50 15.83
CA LYS B 345 12.50 -3.30 15.41
C LYS B 345 13.34 -2.83 16.60
N GLN B 346 14.46 -3.50 16.83
CA GLN B 346 15.34 -3.19 17.95
C GLN B 346 16.60 -2.44 17.49
N GLY B 347 17.17 -2.86 16.37
CA GLY B 347 18.37 -2.24 15.83
C GLY B 347 19.56 -3.19 15.83
N GLN B 348 20.50 -2.94 14.91
CA GLN B 348 21.72 -3.74 14.74
C GLN B 348 21.44 -5.23 14.48
N GLY B 349 20.40 -5.50 13.69
CA GLY B 349 20.03 -6.86 13.31
C GLY B 349 19.38 -7.63 14.44
N GLN B 350 18.36 -7.04 15.06
CA GLN B 350 17.61 -7.68 16.14
C GLN B 350 16.11 -7.45 15.97
N TRP B 351 15.35 -8.55 15.97
CA TRP B 351 13.89 -8.49 15.82
C TRP B 351 13.21 -9.38 16.82
N THR B 352 12.14 -8.86 17.41
CA THR B 352 11.34 -9.59 18.40
C THR B 352 9.84 -9.53 18.07
N TYR B 353 9.11 -10.59 18.43
CA TYR B 353 7.67 -10.65 18.19
C TYR B 353 6.90 -11.20 19.40
N GLN B 354 5.66 -10.73 19.55
CA GLN B 354 4.78 -11.20 20.62
C GLN B 354 3.44 -11.68 20.05
N ILE B 355 3.09 -12.92 20.39
CA ILE B 355 1.81 -13.50 19.95
C ILE B 355 0.82 -13.45 21.11
N TYR B 356 -0.28 -12.74 20.90
CA TYR B 356 -1.29 -12.52 21.94
C TYR B 356 -2.71 -12.42 21.38
N GLN B 357 -3.68 -12.89 22.18
CA GLN B 357 -5.10 -12.75 21.84
C GLN B 357 -5.68 -11.51 22.51
N GLU B 358 -5.30 -11.29 23.76
CA GLU B 358 -5.72 -10.11 24.52
C GLU B 358 -4.51 -9.21 24.81
N PRO B 359 -4.71 -7.88 24.79
CA PRO B 359 -3.63 -6.93 25.05
C PRO B 359 -2.95 -7.14 26.41
N PHE B 360 -1.62 -7.07 26.41
CA PHE B 360 -0.79 -7.26 27.62
C PHE B 360 -0.92 -8.65 28.26
N LYS B 361 -1.26 -9.64 27.43
CA LYS B 361 -1.36 -11.03 27.86
C LYS B 361 -0.72 -11.96 26.83
N ASN B 362 0.57 -12.22 27.00
CA ASN B 362 1.36 -13.01 26.05
C ASN B 362 1.08 -14.51 26.14
N LEU B 363 1.04 -15.16 24.98
CA LEU B 363 0.85 -16.61 24.89
C LEU B 363 2.12 -17.32 24.42
N LYS B 364 2.74 -16.77 23.38
CA LYS B 364 3.97 -17.33 22.83
C LYS B 364 4.96 -16.20 22.50
N THR B 365 6.17 -16.32 23.01
CA THR B 365 7.22 -15.31 22.82
C THR B 365 8.47 -15.90 22.17
N GLY B 366 9.06 -15.14 21.25
CA GLY B 366 10.28 -15.56 20.55
C GLY B 366 10.96 -14.41 19.84
N LYS B 367 12.18 -14.65 19.38
CA LYS B 367 12.96 -13.62 18.68
C LYS B 367 13.91 -14.19 17.63
N TYR B 368 14.05 -13.48 16.52
CA TYR B 368 15.00 -13.84 15.45
C TYR B 368 15.95 -12.67 15.20
N ALA B 369 17.25 -12.96 15.30
CA ALA B 369 18.29 -11.93 15.17
C ALA B 369 18.56 -11.55 13.71
N ARG B 370 19.47 -12.29 13.06
CA ARG B 370 19.88 -12.00 11.69
C ARG B 370 20.27 -13.27 10.96
N MET B 371 19.87 -13.37 9.68
CA MET B 371 20.23 -14.50 8.84
C MET B 371 21.63 -14.30 8.26
N ARG B 372 22.65 -14.56 9.08
CA ARG B 372 24.04 -14.37 8.70
C ARG B 372 24.51 -15.44 7.70
N GLY B 373 25.09 -14.98 6.60
CA GLY B 373 25.59 -15.88 5.56
C GLY B 373 25.84 -15.17 4.24
N ALA B 374 24.80 -14.58 3.67
CA ALA B 374 24.88 -13.91 2.39
C ALA B 374 24.55 -12.42 2.49
N HIS B 375 23.26 -12.08 2.37
CA HIS B 375 22.81 -10.68 2.37
C HIS B 375 21.62 -10.49 3.25
N THR B 376 21.60 -9.38 4.00
CA THR B 376 20.50 -9.03 4.88
C THR B 376 20.14 -7.55 4.79
N ASN B 377 18.83 -7.26 4.80
CA ASN B 377 18.33 -5.89 4.80
C ASN B 377 17.10 -5.72 5.70
N ASP B 378 16.61 -4.49 5.80
CA ASP B 378 15.47 -4.16 6.67
C ASP B 378 14.16 -4.86 6.27
N VAL B 379 13.97 -5.07 4.97
CA VAL B 379 12.79 -5.76 4.46
C VAL B 379 12.94 -7.28 4.58
N LYS B 380 14.11 -7.79 4.19
CA LYS B 380 14.40 -9.24 4.19
C LYS B 380 14.33 -9.85 5.59
N GLN B 381 14.80 -9.12 6.59
CA GLN B 381 14.76 -9.56 7.98
C GLN B 381 13.34 -9.58 8.54
N LEU B 382 12.47 -8.74 7.97
CA LEU B 382 11.07 -8.67 8.38
C LEU B 382 10.21 -9.68 7.61
N THR B 383 10.54 -9.90 6.33
CA THR B 383 9.81 -10.84 5.47
C THR B 383 10.02 -12.28 5.95
N GLU B 384 11.25 -12.60 6.36
CA GLU B 384 11.59 -13.92 6.91
C GLU B 384 11.01 -14.13 8.31
N ALA B 385 10.78 -13.02 9.01
CA ALA B 385 10.20 -13.06 10.36
C ALA B 385 8.72 -13.43 10.33
N VAL B 386 7.98 -12.84 9.38
CA VAL B 386 6.55 -13.11 9.21
C VAL B 386 6.32 -14.58 8.81
N GLN B 387 7.15 -15.07 7.89
CA GLN B 387 7.09 -16.46 7.43
C GLN B 387 7.44 -17.47 8.53
N LYS B 388 8.26 -17.03 9.49
CA LYS B 388 8.66 -17.86 10.62
C LYS B 388 7.52 -18.03 11.63
N ILE B 389 6.76 -16.96 11.87
CA ILE B 389 5.63 -16.98 12.79
C ILE B 389 4.43 -17.74 12.19
N THR B 390 4.19 -17.52 10.89
CA THR B 390 3.08 -18.14 10.17
C THR B 390 3.17 -19.67 10.19
N THR B 391 4.38 -20.19 9.96
CA THR B 391 4.63 -21.64 9.97
C THR B 391 4.44 -22.23 11.37
N GLU B 392 4.85 -21.48 12.39
CA GLU B 392 4.69 -21.88 13.78
C GLU B 392 3.23 -21.80 14.24
N SER B 393 2.47 -20.88 13.65
CA SER B 393 1.06 -20.68 13.98
C SER B 393 0.17 -21.83 13.52
N ILE B 394 0.54 -22.45 12.40
CA ILE B 394 -0.22 -23.57 11.83
C ILE B 394 -0.07 -24.85 12.66
N VAL B 395 1.17 -25.15 13.06
CA VAL B 395 1.49 -26.35 13.81
C VAL B 395 0.87 -26.35 15.22
N ILE B 396 1.02 -25.23 15.92
CA ILE B 396 0.51 -25.10 17.29
C ILE B 396 -1.00 -24.89 17.32
N TRP B 397 -1.49 -23.89 16.57
CA TRP B 397 -2.91 -23.54 16.58
C TRP B 397 -3.61 -23.91 15.30
N GLY B 398 -3.29 -23.20 14.21
CA GLY B 398 -3.87 -23.48 12.91
C GLY B 398 -4.66 -22.31 12.31
N LYS B 399 -4.27 -21.10 12.67
CA LYS B 399 -4.91 -19.89 12.16
C LYS B 399 -3.89 -18.82 11.77
N THR B 400 -4.25 -18.01 10.77
CA THR B 400 -3.40 -16.91 10.32
C THR B 400 -3.60 -15.69 11.21
N PRO B 401 -2.52 -15.22 11.89
CA PRO B 401 -2.62 -14.09 12.80
C PRO B 401 -2.52 -12.73 12.11
N LYS B 402 -3.01 -11.70 12.79
CA LYS B 402 -2.91 -10.33 12.29
C LYS B 402 -1.53 -9.76 12.61
N PHE B 403 -0.72 -9.55 11.57
CA PHE B 403 0.65 -9.07 11.74
C PHE B 403 0.73 -7.56 11.81
N LYS B 404 1.32 -7.07 12.90
CA LYS B 404 1.56 -5.63 13.08
C LYS B 404 3.00 -5.32 12.70
N LEU B 405 3.16 -4.53 11.63
CA LEU B 405 4.47 -4.25 11.07
C LEU B 405 4.88 -2.79 11.24
N PRO B 406 6.15 -2.53 11.60
CA PRO B 406 6.67 -1.17 11.72
C PRO B 406 7.20 -0.66 10.36
N ILE B 407 6.29 -0.57 9.39
CA ILE B 407 6.63 -0.15 8.03
C ILE B 407 5.43 0.52 7.36
N GLN B 408 5.69 1.35 6.35
CA GLN B 408 4.63 2.02 5.60
C GLN B 408 3.93 1.04 4.64
N LYS B 409 2.68 1.36 4.30
CA LYS B 409 1.88 0.53 3.40
C LYS B 409 2.42 0.57 1.96
N GLU B 410 2.92 1.72 1.55
CA GLU B 410 3.48 1.91 0.21
C GLU B 410 4.84 1.22 0.07
N THR B 411 5.57 1.13 1.18
CA THR B 411 6.89 0.51 1.21
C THR B 411 6.81 -1.02 1.22
N TRP B 412 5.87 -1.54 2.01
CA TRP B 412 5.72 -2.99 2.21
C TRP B 412 5.12 -3.70 1.02
N GLU B 413 4.09 -3.09 0.42
CA GLU B 413 3.36 -3.71 -0.69
C GLU B 413 4.12 -3.71 -2.03
N THR B 414 5.40 -3.34 -1.98
CA THR B 414 6.23 -3.26 -3.18
C THR B 414 7.42 -4.24 -3.12
N TRP B 415 7.99 -4.40 -1.93
CA TRP B 415 9.22 -5.21 -1.76
C TRP B 415 9.01 -6.51 -1.04
N TRP B 416 7.77 -6.85 -0.72
CA TRP B 416 7.46 -8.10 -0.02
C TRP B 416 7.48 -9.29 -0.94
N THR B 417 7.22 -9.05 -2.22
CA THR B 417 7.16 -10.11 -3.22
C THR B 417 8.54 -10.65 -3.62
N GLU B 418 9.58 -9.85 -3.37
CA GLU B 418 10.95 -10.20 -3.74
C GLU B 418 11.53 -11.35 -2.92
N TYR B 419 11.09 -11.47 -1.67
CA TYR B 419 11.60 -12.49 -0.76
C TYR B 419 10.51 -13.44 -0.24
N TRP B 420 9.32 -13.36 -0.85
CA TRP B 420 8.20 -14.21 -0.48
C TRP B 420 8.29 -15.55 -1.13
N GLN B 421 8.15 -16.61 -0.33
CA GLN B 421 8.28 -17.99 -0.81
C GLN B 421 7.02 -18.82 -0.58
N ALA B 422 6.39 -18.62 0.58
CA ALA B 422 5.20 -19.37 0.97
C ALA B 422 3.97 -18.96 0.15
N THR B 423 3.15 -19.95 -0.22
CA THR B 423 1.95 -19.71 -1.01
C THR B 423 0.80 -19.10 -0.20
N TRP B 424 0.82 -19.32 1.12
CA TRP B 424 -0.20 -18.78 2.01
C TRP B 424 0.13 -17.37 2.41
N VAL B 425 -0.82 -16.46 2.19
CA VAL B 425 -0.64 -15.05 2.53
C VAL B 425 -1.54 -14.65 3.70
N PRO B 426 -0.93 -14.30 4.84
CA PRO B 426 -1.69 -13.87 6.02
C PRO B 426 -2.11 -12.40 5.94
N GLU B 427 -3.05 -11.99 6.78
CA GLU B 427 -3.52 -10.61 6.84
C GLU B 427 -2.64 -9.79 7.77
N TRP B 428 -2.23 -8.61 7.31
CA TRP B 428 -1.37 -7.71 8.09
C TRP B 428 -1.89 -6.30 8.16
N GLU B 429 -1.57 -5.62 9.26
CA GLU B 429 -1.94 -4.23 9.47
C GLU B 429 -0.72 -3.39 9.87
N PHE B 430 -0.79 -2.09 9.64
CA PHE B 430 0.33 -1.18 9.92
C PHE B 430 -0.02 -0.17 10.99
N VAL B 431 0.66 -0.27 12.14
CA VAL B 431 0.41 0.61 13.29
C VAL B 431 1.70 1.17 13.90
N ASN B 432 1.54 2.02 14.92
CA ASN B 432 2.67 2.65 15.60
C ASN B 432 3.41 1.69 16.54
N THR B 433 4.73 1.83 16.60
CA THR B 433 5.56 1.07 17.52
C THR B 433 6.02 1.96 18.68
N PRO B 434 5.51 1.67 19.89
CA PRO B 434 5.88 2.44 21.10
C PRO B 434 7.33 2.23 21.53
N PRO B 435 7.95 3.24 22.15
CA PRO B 435 9.32 3.11 22.67
C PRO B 435 9.40 2.25 23.92
N LEU B 436 8.28 2.10 24.63
CA LEU B 436 8.22 1.31 25.86
C LEU B 436 8.31 -0.19 25.62
N VAL B 437 7.70 -0.64 24.53
CA VAL B 437 7.70 -2.07 24.17
C VAL B 437 9.06 -2.49 23.55
N LYS B 438 9.79 -1.51 23.04
CA LYS B 438 11.09 -1.74 22.41
C LYS B 438 12.18 -1.94 23.46
N LEU B 439 12.12 -1.18 24.53
CA LEU B 439 13.14 -1.20 25.58
C LEU B 439 12.95 -2.34 26.60
N TRP B 440 11.82 -3.04 26.50
CA TRP B 440 11.50 -4.13 27.43
C TRP B 440 11.93 -5.48 26.92
N TYR B 441 11.66 -5.77 25.66
CA TYR B 441 11.94 -7.08 25.07
C TYR B 441 13.36 -7.23 24.51
N GLN B 442 14.21 -6.23 24.77
CA GLN B 442 15.61 -6.28 24.35
C GLN B 442 16.50 -7.07 25.31
N LEU B 443 16.01 -7.28 26.53
CA LEU B 443 16.74 -8.02 27.56
C LEU B 443 16.47 -9.52 27.52
N GLU B 444 15.60 -9.95 26.60
CA GLU B 444 15.24 -11.35 26.45
C GLU B 444 16.39 -12.16 25.85
N LYS B 445 16.69 -13.29 26.50
CA LYS B 445 17.78 -14.17 26.05
C LYS B 445 17.31 -15.09 24.93
N1 NVP E . 3.65 6.38 -28.49
CA NVP E . 4.39 3.97 -27.97
CB NVP E . 4.45 5.16 -28.87
CC NVP E . 3.69 3.94 -29.30
N3 NVP E . 1.59 5.38 -27.30
C4 NVP E . 0.32 5.40 -26.83
C5 NVP E . -0.49 6.55 -26.99
C6 NVP E . 0.05 7.68 -27.63
CD NVP E . -0.81 8.90 -27.79
C2 NVP E . 2.14 6.45 -27.95
C7 NVP E . 1.42 7.67 -28.07
N8 NVP E . 1.78 8.52 -28.89
C9 NVP E . 2.85 9.18 -29.05
OE NVP E . 2.57 10.18 -29.59
C10 NVP E . 3.96 8.77 -29.61
C15 NVP E . 4.56 7.49 -29.25
C11 NVP E . 4.77 9.76 -30.26
C12 NVP E . 6.10 9.41 -30.60
C13 NVP E . 6.62 8.11 -30.29
N14 NVP E . 5.83 7.20 -29.61
#